data_7TQQ
#
_entry.id   7TQQ
#
_cell.length_a   43.681
_cell.length_b   91.356
_cell.length_c   157.386
_cell.angle_alpha   90.000
_cell.angle_beta   90.707
_cell.angle_gamma   90.000
#
_symmetry.space_group_name_H-M   'P 1 21 1'
#
loop_
_entity.id
_entity.type
_entity.pdbx_description
1 polymer 'Three-prime repair exonuclease 1'
2 polymer "DNA (5'-D(P*TP*TP*GP*GP*CP*CP*GP*GP*CP*CP*AP*TP*C)-3')"
3 water water
#
loop_
_entity_poly.entity_id
_entity_poly.type
_entity_poly.pdbx_seq_one_letter_code
_entity_poly.pdbx_strand_id
1 'polypeptide(L)'
;SMGSQALPPGPMQTLIFFDMEATGLPFSQPKVTELCLLAVHRCALESPPTSQGPPPTVPPPPRVVDKLSLCVAPGKACSP
AASEITGLSTAVLAAHGRQCFDDNLANLLLAFLRRQPQPWCLVAHNGDRYDFPLLQAELAMLGLTSALDGAFCVDSITAL
KALERASSPSEHGPRKSYSLGSIYTRLYGQSPPDSHTAEGDVLALLSICQWRPQALLRWVDAHARPFGTIRPMYGVTASA
RTK
;
A,B,E,F
2 'polydeoxyribonucleotide'
;(DG)(DT)(DT)(DG)(DG)(DC)(DC)(DC)(DT)(DC)(DT)(DT)(DT)(DA)(DG)(DG)(DG)(DC)(DC)(DA)
(DT)(DC)
;
C,D,G,H
#
loop_
_chem_comp.id
_chem_comp.type
_chem_comp.name
_chem_comp.formula
DA DNA linking 2'-DEOXYADENOSINE-5'-MONOPHOSPHATE 'C10 H14 N5 O6 P'
DC DNA linking 2'-DEOXYCYTIDINE-5'-MONOPHOSPHATE 'C9 H14 N3 O7 P'
DG DNA linking 2'-DEOXYGUANOSINE-5'-MONOPHOSPHATE 'C10 H14 N5 O7 P'
DT DNA linking THYMIDINE-5'-MONOPHOSPHATE 'C10 H15 N2 O8 P'
#
# COMPACT_ATOMS: atom_id res chain seq x y z
N PRO A 9 -14.18 -21.64 34.49
CA PRO A 9 -14.89 -20.51 33.87
C PRO A 9 -16.24 -20.91 33.29
N GLY A 10 -16.23 -21.88 32.38
CA GLY A 10 -17.44 -22.35 31.75
C GLY A 10 -17.92 -21.43 30.65
N PRO A 11 -19.20 -21.52 30.31
CA PRO A 11 -19.75 -20.70 29.21
C PRO A 11 -19.72 -19.22 29.55
N MET A 12 -19.04 -18.44 28.71
CA MET A 12 -19.07 -16.99 28.84
C MET A 12 -20.50 -16.50 28.70
N GLN A 13 -20.99 -15.82 29.74
CA GLN A 13 -22.38 -15.37 29.70
C GLN A 13 -22.55 -14.10 28.88
N THR A 14 -21.48 -13.33 28.66
CA THR A 14 -21.57 -12.06 27.98
C THR A 14 -20.36 -11.83 27.10
N LEU A 15 -20.62 -11.53 25.83
CA LEU A 15 -19.62 -11.08 24.88
C LEU A 15 -19.75 -9.57 24.73
N ILE A 16 -18.70 -8.83 25.06
CA ILE A 16 -18.68 -7.38 24.95
C ILE A 16 -17.78 -7.06 23.76
N PHE A 17 -18.40 -6.84 22.60
CA PHE A 17 -17.66 -6.41 21.42
C PHE A 17 -17.08 -5.02 21.67
N PHE A 18 -15.85 -4.83 21.23
CA PHE A 18 -15.06 -3.71 21.72
C PHE A 18 -14.17 -3.16 20.60
N ASP A 19 -14.21 -1.84 20.42
CA ASP A 19 -13.29 -1.14 19.53
C ASP A 19 -12.95 0.22 20.12
N MET A 20 -11.72 0.66 19.88
CA MET A 20 -11.31 2.01 20.21
C MET A 20 -10.73 2.70 18.97
N GLU A 21 -10.83 4.01 18.95
CA GLU A 21 -10.08 4.85 18.04
C GLU A 21 -9.05 5.63 18.85
N ALA A 22 -7.96 6.02 18.20
CA ALA A 22 -6.84 6.62 18.92
C ALA A 22 -6.05 7.53 17.98
N THR A 23 -4.98 8.11 18.51
CA THR A 23 -4.23 9.15 17.81
C THR A 23 -3.21 8.62 16.82
N GLY A 24 -2.93 7.32 16.81
CA GLY A 24 -1.93 6.81 15.89
C GLY A 24 -1.69 5.34 16.09
N LEU A 25 -0.64 4.85 15.45
CA LEU A 25 -0.25 3.45 15.48
C LEU A 25 0.53 3.15 16.76
N PRO A 26 0.77 1.87 17.08
CA PRO A 26 1.40 1.54 18.37
C PRO A 26 2.75 2.19 18.59
N PHE A 27 3.53 2.42 17.52
CA PHE A 27 4.88 2.96 17.68
C PHE A 27 4.89 4.37 18.27
N SER A 28 3.80 5.12 18.11
CA SER A 28 3.75 6.52 18.50
C SER A 28 3.23 6.73 19.91
N GLN A 29 3.11 5.67 20.70
CA GLN A 29 2.48 5.71 22.01
C GLN A 29 1.13 6.39 21.88
N PRO A 30 0.18 5.80 21.16
CA PRO A 30 -1.07 6.51 20.88
C PRO A 30 -1.95 6.57 22.11
N LYS A 31 -2.88 7.53 22.09
CA LYS A 31 -3.84 7.74 23.17
C LYS A 31 -5.26 7.56 22.65
N VAL A 32 -6.12 6.99 23.50
CA VAL A 32 -7.48 6.70 23.09
C VAL A 32 -8.23 8.00 22.84
N THR A 33 -8.90 8.08 21.69
CA THR A 33 -9.81 9.16 21.37
C THR A 33 -11.28 8.76 21.38
N GLU A 34 -11.59 7.47 21.27
CA GLU A 34 -12.99 7.04 21.21
C GLU A 34 -13.06 5.57 21.57
N LEU A 35 -14.12 5.19 22.26
CA LEU A 35 -14.31 3.78 22.55
C LEU A 35 -15.80 3.44 22.50
N CYS A 36 -16.09 2.18 22.21
CA CYS A 36 -17.45 1.68 22.18
C CYS A 36 -17.46 0.25 22.70
N LEU A 37 -18.36 -0.02 23.65
CA LEU A 37 -18.60 -1.37 24.15
C LEU A 37 -20.04 -1.74 23.85
N LEU A 38 -20.25 -2.97 23.42
CA LEU A 38 -21.57 -3.47 23.09
C LEU A 38 -21.65 -4.88 23.68
N ALA A 39 -22.40 -5.01 24.77
CA ALA A 39 -22.49 -6.26 25.51
C ALA A 39 -23.71 -7.03 25.03
N VAL A 40 -23.52 -8.29 24.66
CA VAL A 40 -24.58 -9.14 24.13
C VAL A 40 -24.61 -10.43 24.95
N HIS A 41 -25.78 -10.78 25.47
CA HIS A 41 -25.91 -12.03 26.21
C HIS A 41 -25.76 -13.20 25.27
N ARG A 42 -25.13 -14.27 25.76
CA ARG A 42 -24.82 -15.39 24.89
C ARG A 42 -26.08 -16.00 24.28
N CYS A 43 -27.22 -15.90 24.98
CA CYS A 43 -28.46 -16.45 24.43
C CYS A 43 -28.90 -15.74 23.15
N ALA A 44 -28.47 -14.50 22.95
CA ALA A 44 -28.72 -13.82 21.68
C ALA A 44 -27.90 -14.41 20.54
N LEU A 45 -26.84 -15.16 20.85
CA LEU A 45 -26.04 -15.85 19.85
C LEU A 45 -26.39 -17.33 19.74
N GLU A 46 -26.88 -17.94 20.82
CA GLU A 46 -27.21 -19.37 20.77
C GLU A 46 -28.54 -19.63 20.08
N SER A 47 -29.56 -18.81 20.36
CA SER A 47 -30.89 -18.96 19.77
C SER A 47 -31.33 -17.61 19.19
N PRO A 48 -30.84 -17.26 18.01
CA PRO A 48 -31.17 -15.96 17.41
C PRO A 48 -32.62 -15.92 16.96
N PRO A 49 -33.09 -14.81 16.33
CA PRO A 49 -34.50 -14.75 15.91
C PRO A 49 -34.85 -15.67 14.75
N THR A 50 -35.98 -15.40 14.11
CA THR A 50 -36.48 -16.21 13.00
C THR A 50 -35.55 -16.15 11.79
N THR A 57 -27.22 -9.95 2.88
CA THR A 57 -28.20 -9.87 3.95
C THR A 57 -27.52 -9.89 5.32
N VAL A 58 -27.43 -8.71 5.93
CA VAL A 58 -26.79 -8.57 7.23
C VAL A 58 -27.73 -9.07 8.32
N PRO A 59 -27.25 -9.84 9.28
CA PRO A 59 -28.07 -10.18 10.44
C PRO A 59 -28.48 -8.93 11.20
N PRO A 60 -29.72 -8.86 11.66
CA PRO A 60 -30.10 -7.77 12.56
C PRO A 60 -29.43 -7.95 13.92
N PRO A 61 -29.02 -6.86 14.55
CA PRO A 61 -28.49 -6.96 15.91
C PRO A 61 -29.56 -7.44 16.87
N PRO A 62 -29.18 -7.96 18.04
CA PRO A 62 -30.18 -8.40 19.00
C PRO A 62 -31.04 -7.24 19.48
N ARG A 63 -32.31 -7.55 19.78
CA ARG A 63 -33.20 -6.54 20.35
C ARG A 63 -32.68 -6.05 21.70
N VAL A 64 -32.22 -6.96 22.55
CA VAL A 64 -31.74 -6.65 23.89
C VAL A 64 -30.21 -6.57 23.84
N VAL A 65 -29.66 -5.36 23.99
CA VAL A 65 -28.22 -5.13 23.98
C VAL A 65 -27.92 -3.99 24.95
N ASP A 66 -26.67 -3.92 25.40
CA ASP A 66 -26.16 -2.76 26.12
C ASP A 66 -25.03 -2.13 25.32
N LYS A 67 -25.04 -0.81 25.22
CA LYS A 67 -24.14 -0.08 24.33
C LYS A 67 -23.60 1.16 25.04
N LEU A 68 -22.29 1.29 25.10
CA LEU A 68 -21.64 2.48 25.60
C LEU A 68 -20.65 3.00 24.57
N SER A 69 -20.72 4.28 24.27
CA SER A 69 -19.85 4.88 23.25
C SER A 69 -19.45 6.28 23.70
N LEU A 70 -18.14 6.54 23.71
CA LEU A 70 -17.61 7.75 24.33
C LEU A 70 -16.43 8.29 23.53
N CYS A 71 -16.24 9.60 23.61
CA CYS A 71 -15.08 10.27 23.05
C CYS A 71 -14.19 10.77 24.18
N VAL A 72 -12.88 10.68 23.98
CA VAL A 72 -11.90 10.99 25.02
C VAL A 72 -10.92 12.02 24.46
N ALA A 73 -10.55 12.97 25.31
CA ALA A 73 -9.51 13.93 24.98
C ALA A 73 -8.15 13.28 25.20
N PRO A 74 -7.33 13.14 24.17
CA PRO A 74 -5.99 12.56 24.34
C PRO A 74 -5.00 13.61 24.84
N GLY A 75 -3.91 13.12 25.41
CA GLY A 75 -2.91 14.07 25.89
C GLY A 75 -2.19 14.83 24.79
N LYS A 76 -2.30 14.36 23.55
CA LYS A 76 -1.43 14.82 22.47
C LYS A 76 -2.27 14.98 21.20
N ALA A 77 -1.60 15.44 20.15
CA ALA A 77 -2.25 15.62 18.85
C ALA A 77 -2.48 14.27 18.16
N CYS A 78 -3.50 14.20 17.32
CA CYS A 78 -3.71 13.06 16.44
C CYS A 78 -2.78 13.15 15.25
N SER A 79 -2.19 12.01 14.87
CA SER A 79 -1.35 11.97 13.68
C SER A 79 -2.18 12.34 12.46
N PRO A 80 -1.58 12.98 11.46
CA PRO A 80 -2.35 13.43 10.29
C PRO A 80 -3.16 12.31 9.64
N ALA A 81 -2.59 11.11 9.53
CA ALA A 81 -3.33 10.01 8.93
C ALA A 81 -4.48 9.57 9.83
N ALA A 82 -4.26 9.53 11.16
CA ALA A 82 -5.32 9.09 12.05
C ALA A 82 -6.52 10.04 12.01
N SER A 83 -6.27 11.35 11.94
CA SER A 83 -7.38 12.29 11.76
C SER A 83 -8.12 12.06 10.46
N GLU A 84 -7.38 11.84 9.36
CA GLU A 84 -8.01 11.53 8.09
C GLU A 84 -8.92 10.31 8.20
N ILE A 85 -8.41 9.23 8.78
CA ILE A 85 -9.15 7.97 8.85
C ILE A 85 -10.35 8.10 9.79
N THR A 86 -10.12 8.62 11.00
CA THR A 86 -11.17 8.58 12.01
C THR A 86 -12.14 9.75 11.91
N GLY A 87 -11.70 10.87 11.34
CA GLY A 87 -12.49 12.07 11.42
C GLY A 87 -12.50 12.71 12.79
N LEU A 88 -11.53 12.38 13.64
CA LEU A 88 -11.33 13.02 14.94
C LEU A 88 -10.02 13.80 14.93
N SER A 89 -10.00 14.93 15.62
CA SER A 89 -8.79 15.70 15.86
C SER A 89 -8.81 16.23 17.28
N THR A 90 -7.62 16.48 17.84
CA THR A 90 -7.53 16.87 19.25
C THR A 90 -8.12 18.26 19.49
N ALA A 91 -8.08 19.15 18.50
CA ALA A 91 -8.75 20.44 18.68
C ALA A 91 -10.26 20.28 18.67
N VAL A 92 -10.78 19.38 17.82
CA VAL A 92 -12.23 19.21 17.71
C VAL A 92 -12.78 18.60 18.99
N LEU A 93 -12.12 17.55 19.50
CA LEU A 93 -12.50 16.98 20.79
C LEU A 93 -12.50 18.03 21.90
N ALA A 94 -11.58 18.99 21.87
CA ALA A 94 -11.62 20.08 22.85
C ALA A 94 -12.80 21.01 22.62
N ALA A 95 -13.17 21.23 21.35
CA ALA A 95 -14.35 22.05 21.06
C ALA A 95 -15.59 21.46 21.70
N HIS A 96 -15.70 20.13 21.71
CA HIS A 96 -16.80 19.42 22.35
C HIS A 96 -16.52 19.13 23.82
N GLY A 97 -15.53 19.81 24.41
CA GLY A 97 -15.31 19.71 25.85
C GLY A 97 -15.12 18.30 26.36
N ARG A 98 -14.48 17.44 25.55
CA ARG A 98 -14.24 16.07 25.96
C ARG A 98 -13.21 16.01 27.08
N GLN A 99 -13.36 15.02 27.95
CA GLN A 99 -12.45 14.87 29.07
C GLN A 99 -11.47 13.73 28.81
N CYS A 100 -10.36 13.75 29.53
CA CYS A 100 -9.30 12.78 29.35
C CYS A 100 -9.69 11.43 29.94
N PHE A 101 -8.83 10.44 29.69
CA PHE A 101 -9.00 9.11 30.27
C PHE A 101 -8.63 9.18 31.74
N ASP A 102 -9.63 9.05 32.62
CA ASP A 102 -9.41 9.36 34.02
C ASP A 102 -10.12 8.31 34.88
N ASP A 103 -10.11 8.57 36.18
CA ASP A 103 -10.68 7.66 37.16
C ASP A 103 -12.17 7.48 36.95
N ASN A 104 -12.88 8.58 36.69
CA ASN A 104 -14.31 8.50 36.44
C ASN A 104 -14.60 7.58 35.25
N LEU A 105 -13.85 7.76 34.16
CA LEU A 105 -14.04 6.93 32.98
C LEU A 105 -13.80 5.45 33.30
N ALA A 106 -12.76 5.17 34.09
CA ALA A 106 -12.52 3.79 34.52
C ALA A 106 -13.69 3.25 35.33
N ASN A 107 -14.25 4.07 36.22
CA ASN A 107 -15.42 3.62 36.99
C ASN A 107 -16.65 3.49 36.10
N LEU A 108 -16.78 4.35 35.07
CA LEU A 108 -17.85 4.19 34.11
C LEU A 108 -17.81 2.80 33.47
N LEU A 109 -16.66 2.44 32.91
CA LEU A 109 -16.52 1.15 32.24
C LEU A 109 -16.81 -0.01 33.19
N LEU A 110 -16.34 0.09 34.44
CA LEU A 110 -16.56 -1.00 35.38
C LEU A 110 -18.03 -1.15 35.71
N ALA A 111 -18.73 -0.04 35.93
CA ALA A 111 -20.14 -0.12 36.27
C ALA A 111 -20.96 -0.66 35.11
N PHE A 112 -20.62 -0.27 33.87
CA PHE A 112 -21.26 -0.83 32.69
C PHE A 112 -21.07 -2.34 32.64
N LEU A 113 -19.85 -2.83 32.89
CA LEU A 113 -19.62 -4.27 32.92
C LEU A 113 -20.37 -4.95 34.04
N ARG A 114 -20.65 -4.24 35.14
CA ARG A 114 -21.39 -4.86 36.25
C ARG A 114 -22.81 -5.18 35.87
N ARG A 115 -23.36 -4.49 34.87
CA ARG A 115 -24.70 -4.79 34.39
C ARG A 115 -24.78 -6.11 33.62
N GLN A 116 -23.62 -6.73 33.29
CA GLN A 116 -23.56 -7.93 32.48
C GLN A 116 -23.25 -9.15 33.33
N PRO A 117 -23.86 -10.29 33.02
CA PRO A 117 -23.53 -11.52 33.76
C PRO A 117 -22.10 -11.96 33.50
N GLN A 118 -21.48 -12.49 34.53
CA GLN A 118 -20.13 -13.03 34.44
C GLN A 118 -20.18 -14.52 34.13
N PRO A 119 -19.15 -15.08 33.47
CA PRO A 119 -17.91 -14.44 33.01
C PRO A 119 -18.11 -13.50 31.81
N TRP A 120 -17.38 -12.39 31.82
CA TRP A 120 -17.36 -11.47 30.69
C TRP A 120 -16.26 -11.89 29.72
N CYS A 121 -16.48 -11.65 28.44
CA CYS A 121 -15.44 -11.83 27.43
C CYS A 121 -15.45 -10.67 26.46
N LEU A 122 -14.36 -9.92 26.42
CA LEU A 122 -14.19 -8.87 25.42
C LEU A 122 -13.84 -9.47 24.06
N VAL A 123 -14.46 -8.94 23.02
CA VAL A 123 -14.18 -9.33 21.63
C VAL A 123 -13.73 -8.08 20.89
N ALA A 124 -12.56 -8.17 20.25
CA ALA A 124 -11.94 -7.03 19.59
C ALA A 124 -11.13 -7.52 18.40
N HIS A 125 -11.25 -6.80 17.29
CA HIS A 125 -10.62 -7.17 16.03
C HIS A 125 -9.16 -6.72 16.02
N ASN A 126 -8.25 -7.68 15.85
CA ASN A 126 -6.81 -7.44 16.03
C ASN A 126 -6.54 -7.01 17.48
N GLY A 127 -7.40 -7.47 18.40
CA GLY A 127 -7.35 -7.00 19.76
C GLY A 127 -6.05 -7.32 20.48
N ASP A 128 -5.47 -8.49 20.20
CA ASP A 128 -4.21 -8.85 20.84
C ASP A 128 -3.09 -7.84 20.57
N ARG A 129 -3.19 -7.05 19.51
CA ARG A 129 -2.14 -6.12 19.12
C ARG A 129 -2.55 -4.64 19.16
N TYR A 130 -3.81 -4.33 19.44
CA TYR A 130 -4.15 -2.91 19.53
C TYR A 130 -5.12 -2.62 20.67
N ASP A 131 -6.41 -2.96 20.49
CA ASP A 131 -7.42 -2.55 21.46
C ASP A 131 -7.06 -3.00 22.88
N PHE A 132 -6.61 -4.25 23.02
CA PHE A 132 -6.36 -4.77 24.36
C PHE A 132 -5.15 -4.10 25.01
N PRO A 133 -3.95 -4.11 24.40
CA PRO A 133 -2.81 -3.46 25.06
C PRO A 133 -3.00 -1.96 25.23
N LEU A 134 -3.71 -1.31 24.30
CA LEU A 134 -3.93 0.12 24.43
C LEU A 134 -4.79 0.42 25.65
N LEU A 135 -5.87 -0.33 25.82
CA LEU A 135 -6.72 -0.19 27.00
C LEU A 135 -5.95 -0.49 28.27
N GLN A 136 -5.18 -1.57 28.27
CA GLN A 136 -4.36 -1.90 29.44
C GLN A 136 -3.38 -0.78 29.77
N ALA A 137 -2.82 -0.15 28.74
CA ALA A 137 -1.85 0.93 28.99
C ALA A 137 -2.53 2.14 29.60
N GLU A 138 -3.71 2.51 29.11
CA GLU A 138 -4.45 3.64 29.68
C GLU A 138 -4.71 3.40 31.16
N LEU A 139 -5.22 2.21 31.50
CA LEU A 139 -5.45 1.87 32.90
C LEU A 139 -4.16 1.88 33.71
N ALA A 140 -3.03 1.54 33.08
CA ALA A 140 -1.78 1.46 33.83
C ALA A 140 -1.24 2.85 34.17
N MET A 141 -1.47 3.84 33.30
CA MET A 141 -1.08 5.20 33.60
C MET A 141 -1.93 5.81 34.72
N LEU A 142 -3.14 5.30 34.91
CA LEU A 142 -3.98 5.71 36.02
C LEU A 142 -3.72 4.92 37.30
N GLY A 143 -2.76 3.99 37.27
CA GLY A 143 -2.57 3.11 38.41
C GLY A 143 -3.62 2.03 38.55
N LEU A 144 -4.50 1.89 37.57
CA LEU A 144 -5.63 0.95 37.65
C LEU A 144 -5.38 -0.27 36.77
N THR A 145 -4.24 -0.92 36.94
CA THR A 145 -3.85 -2.03 36.08
C THR A 145 -4.45 -3.37 36.50
N SER A 146 -5.40 -3.38 37.45
CA SER A 146 -6.07 -4.62 37.83
C SER A 146 -7.58 -4.44 37.83
N ALA A 147 -8.10 -3.44 37.11
CA ALA A 147 -9.52 -3.11 37.21
C ALA A 147 -10.38 -4.12 36.45
N LEU A 148 -10.02 -4.41 35.19
CA LEU A 148 -10.78 -5.31 34.33
C LEU A 148 -10.17 -6.72 34.26
N ASP A 149 -9.42 -7.14 35.29
CA ASP A 149 -8.74 -8.42 35.24
C ASP A 149 -9.68 -9.60 35.45
N GLY A 150 -10.87 -9.38 36.02
CA GLY A 150 -11.82 -10.48 36.13
C GLY A 150 -12.48 -10.86 34.82
N ALA A 151 -12.25 -10.10 33.77
CA ALA A 151 -12.85 -10.33 32.47
C ALA A 151 -11.91 -11.14 31.58
N PHE A 152 -12.50 -11.80 30.59
CA PHE A 152 -11.75 -12.53 29.59
C PHE A 152 -11.73 -11.73 28.29
N CYS A 153 -10.83 -12.13 27.38
CA CYS A 153 -10.75 -11.45 26.10
C CYS A 153 -10.41 -12.44 24.99
N VAL A 154 -10.83 -12.10 23.78
CA VAL A 154 -10.65 -12.95 22.60
C VAL A 154 -10.48 -12.07 21.38
N ASP A 155 -9.43 -12.35 20.61
CA ASP A 155 -9.15 -11.64 19.37
C ASP A 155 -9.97 -12.24 18.25
N SER A 156 -10.87 -11.44 17.67
CA SER A 156 -11.78 -11.96 16.65
C SER A 156 -11.07 -12.28 15.34
N ILE A 157 -9.83 -11.82 15.16
CA ILE A 157 -9.05 -12.26 14.02
C ILE A 157 -8.60 -13.71 14.22
N THR A 158 -8.11 -14.04 15.41
CA THR A 158 -7.78 -15.42 15.74
C THR A 158 -9.02 -16.31 15.65
N ALA A 159 -10.16 -15.83 16.17
CA ALA A 159 -11.39 -16.61 16.13
C ALA A 159 -11.84 -16.84 14.70
N LEU A 160 -11.98 -15.77 13.92
CA LEU A 160 -12.50 -15.89 12.56
C LEU A 160 -11.58 -16.71 11.66
N LYS A 161 -10.27 -16.67 11.90
CA LYS A 161 -9.37 -17.51 11.12
C LYS A 161 -9.69 -18.98 11.32
N ALA A 162 -9.98 -19.39 12.57
CA ALA A 162 -10.25 -20.80 12.82
C ALA A 162 -11.62 -21.21 12.34
N LEU A 163 -12.59 -20.29 12.40
CA LEU A 163 -13.94 -20.61 11.94
C LEU A 163 -13.99 -20.83 10.44
N GLU A 164 -13.27 -20.01 9.67
CA GLU A 164 -13.17 -20.25 8.24
C GLU A 164 -12.22 -21.39 7.91
N ARG A 165 -11.29 -21.69 8.81
CA ARG A 165 -10.38 -22.82 8.59
C ARG A 165 -11.12 -24.15 8.64
N ALA A 166 -11.95 -24.35 9.67
CA ALA A 166 -12.72 -25.58 9.77
C ALA A 166 -13.85 -25.63 8.74
N SER A 167 -14.22 -24.49 8.17
CA SER A 167 -15.32 -24.42 7.21
C SER A 167 -14.85 -24.59 5.77
N SER A 177 -6.97 -11.29 2.88
CA SER A 177 -7.06 -10.26 3.91
C SER A 177 -8.08 -10.62 4.99
N TYR A 178 -7.71 -10.35 6.25
CA TYR A 178 -8.58 -10.58 7.40
C TYR A 178 -8.92 -9.27 8.12
N SER A 179 -8.78 -8.13 7.45
CA SER A 179 -9.24 -6.88 8.01
C SER A 179 -10.75 -6.91 8.21
N LEU A 180 -11.23 -5.99 9.04
CA LEU A 180 -12.66 -5.94 9.33
C LEU A 180 -13.48 -5.71 8.07
N GLY A 181 -13.04 -4.80 7.22
CA GLY A 181 -13.78 -4.52 5.99
C GLY A 181 -13.75 -5.67 5.01
N SER A 182 -12.58 -6.32 4.85
CA SER A 182 -12.45 -7.43 3.91
C SER A 182 -13.29 -8.62 4.35
N ILE A 183 -13.30 -8.94 5.65
CA ILE A 183 -14.16 -10.01 6.14
C ILE A 183 -15.61 -9.68 5.87
N TYR A 184 -16.04 -8.48 6.28
CA TYR A 184 -17.44 -8.08 6.17
C TYR A 184 -17.94 -8.19 4.74
N THR A 185 -17.16 -7.67 3.79
CA THR A 185 -17.57 -7.72 2.38
C THR A 185 -17.56 -9.14 1.84
N ARG A 186 -16.67 -10.00 2.35
CA ARG A 186 -16.64 -11.38 1.86
C ARG A 186 -17.88 -12.14 2.27
N LEU A 187 -18.37 -11.92 3.48
CA LEU A 187 -19.56 -12.61 3.98
C LEU A 187 -20.85 -11.95 3.50
N TYR A 188 -20.88 -10.62 3.42
CA TYR A 188 -22.13 -9.92 3.12
C TYR A 188 -22.15 -9.21 1.78
N GLY A 189 -20.99 -8.90 1.19
CA GLY A 189 -20.94 -8.41 -0.16
C GLY A 189 -20.93 -6.89 -0.32
N GLN A 190 -21.17 -6.15 0.75
CA GLN A 190 -21.19 -4.70 0.69
C GLN A 190 -20.26 -4.13 1.75
N SER A 191 -19.96 -2.84 1.63
CA SER A 191 -19.09 -2.20 2.60
C SER A 191 -19.87 -1.87 3.86
N PRO A 192 -19.25 -1.98 5.04
CA PRO A 192 -19.95 -1.67 6.28
C PRO A 192 -20.12 -0.16 6.44
N PRO A 193 -21.20 0.29 7.09
CA PRO A 193 -21.39 1.72 7.30
C PRO A 193 -20.60 2.24 8.48
N ASP A 194 -20.23 3.52 8.39
CA ASP A 194 -19.53 4.25 9.46
C ASP A 194 -18.23 3.55 9.86
N SER A 195 -17.45 3.16 8.86
CA SER A 195 -16.18 2.52 9.13
C SER A 195 -15.21 3.51 9.75
N HIS A 196 -14.31 2.99 10.58
CA HIS A 196 -13.27 3.78 11.27
C HIS A 196 -13.84 4.76 12.28
N THR A 197 -15.00 4.42 12.85
CA THR A 197 -15.45 4.96 14.12
C THR A 197 -15.56 3.80 15.11
N ALA A 198 -15.59 4.14 16.40
CA ALA A 198 -15.61 3.09 17.42
C ALA A 198 -16.92 2.30 17.36
N GLU A 199 -18.05 2.98 17.21
CA GLU A 199 -19.33 2.29 17.12
C GLU A 199 -19.49 1.56 15.79
N GLY A 200 -19.12 2.22 14.68
CA GLY A 200 -19.23 1.56 13.39
C GLY A 200 -18.42 0.27 13.34
N ASP A 201 -17.20 0.32 13.85
CA ASP A 201 -16.36 -0.88 13.88
C ASP A 201 -16.97 -1.96 14.77
N VAL A 202 -17.55 -1.56 15.91
CA VAL A 202 -18.15 -2.56 16.81
C VAL A 202 -19.38 -3.20 16.17
N LEU A 203 -20.25 -2.39 15.55
CA LEU A 203 -21.45 -2.93 14.91
C LEU A 203 -21.10 -3.83 13.73
N ALA A 204 -20.07 -3.47 12.95
CA ALA A 204 -19.65 -4.35 11.87
C ALA A 204 -19.07 -5.65 12.41
N LEU A 205 -18.36 -5.56 13.53
CA LEU A 205 -17.81 -6.75 14.18
C LEU A 205 -18.91 -7.67 14.68
N LEU A 206 -19.96 -7.08 15.27
CA LEU A 206 -21.09 -7.86 15.72
C LEU A 206 -21.71 -8.64 14.57
N SER A 207 -21.93 -7.98 13.42
CA SER A 207 -22.58 -8.66 12.29
C SER A 207 -21.75 -9.84 11.82
N ILE A 208 -20.43 -9.66 11.74
CA ILE A 208 -19.54 -10.75 11.36
C ILE A 208 -19.66 -11.91 12.36
N CYS A 209 -19.62 -11.60 13.65
CA CYS A 209 -19.69 -12.65 14.64
C CYS A 209 -21.04 -13.34 14.71
N GLN A 210 -22.05 -12.80 14.01
CA GLN A 210 -23.35 -13.45 13.90
C GLN A 210 -23.45 -14.32 12.66
N TRP A 211 -22.35 -14.55 11.95
CA TRP A 211 -22.38 -15.43 10.77
C TRP A 211 -22.50 -16.88 11.20
N ARG A 212 -21.63 -17.33 12.09
CA ARG A 212 -21.70 -18.65 12.70
C ARG A 212 -21.65 -18.48 14.22
N PRO A 213 -22.73 -17.99 14.83
CA PRO A 213 -22.68 -17.70 16.28
C PRO A 213 -22.44 -18.93 17.13
N GLN A 214 -22.97 -20.09 16.73
CA GLN A 214 -22.74 -21.34 17.46
C GLN A 214 -21.26 -21.66 17.53
N ALA A 215 -20.60 -21.75 16.37
CA ALA A 215 -19.18 -22.10 16.33
C ALA A 215 -18.33 -21.04 17.02
N LEU A 216 -18.72 -19.76 16.95
CA LEU A 216 -17.95 -18.74 17.63
C LEU A 216 -18.01 -18.92 19.14
N LEU A 217 -19.20 -19.20 19.66
CA LEU A 217 -19.37 -19.39 21.10
C LEU A 217 -18.50 -20.53 21.61
N ARG A 218 -18.52 -21.67 20.91
CA ARG A 218 -17.62 -22.77 21.26
C ARG A 218 -16.17 -22.34 21.20
N TRP A 219 -15.81 -21.58 20.17
CA TRP A 219 -14.44 -21.11 20.04
C TRP A 219 -14.06 -20.22 21.21
N VAL A 220 -14.84 -19.16 21.43
CA VAL A 220 -14.54 -18.22 22.51
C VAL A 220 -14.44 -18.97 23.85
N ASP A 221 -15.38 -19.89 24.10
CA ASP A 221 -15.36 -20.69 25.34
C ASP A 221 -14.09 -21.53 25.44
N ALA A 222 -13.57 -22.00 24.30
CA ALA A 222 -12.37 -22.82 24.30
C ALA A 222 -11.09 -22.00 24.34
N HIS A 223 -11.17 -20.69 24.04
CA HIS A 223 -9.96 -19.89 23.94
C HIS A 223 -10.12 -18.52 24.59
N ALA A 224 -11.13 -18.33 25.42
CA ALA A 224 -11.24 -17.12 26.21
C ALA A 224 -10.02 -16.97 27.11
N ARG A 225 -9.28 -15.89 26.90
CA ARG A 225 -8.04 -15.62 27.61
C ARG A 225 -8.26 -14.54 28.67
N PRO A 226 -7.72 -14.75 29.88
CA PRO A 226 -7.84 -13.72 30.92
C PRO A 226 -7.25 -12.40 30.44
N PHE A 227 -7.98 -11.33 30.70
CA PHE A 227 -7.52 -10.01 30.27
C PHE A 227 -6.21 -9.65 30.93
N GLY A 228 -5.95 -10.18 32.12
CA GLY A 228 -4.74 -9.90 32.87
C GLY A 228 -3.47 -10.49 32.27
N THR A 229 -3.59 -11.37 31.29
CA THR A 229 -2.43 -11.91 30.59
C THR A 229 -1.99 -11.01 29.44
N ILE A 230 -2.60 -9.84 29.29
CA ILE A 230 -2.26 -8.88 28.24
C ILE A 230 -1.31 -7.84 28.82
N ARG A 231 -0.11 -7.69 28.18
CA ARG A 231 0.77 -6.66 28.72
C ARG A 231 0.47 -5.31 28.06
N PRO A 232 0.66 -4.21 28.80
CA PRO A 232 0.27 -2.90 28.26
C PRO A 232 1.12 -2.49 27.06
N MET A 233 0.51 -1.69 26.19
CA MET A 233 1.22 -1.23 25.01
C MET A 233 2.46 -0.40 25.38
N TYR A 234 2.35 0.44 26.41
CA TYR A 234 3.49 1.22 26.89
C TYR A 234 3.23 1.67 28.33
N GLY A 235 4.31 1.94 29.05
CA GLY A 235 4.23 2.41 30.43
C GLY A 235 3.77 1.39 31.46
N PRO B 9 -28.14 31.15 35.45
CA PRO B 9 -27.94 30.01 34.54
C PRO B 9 -27.66 30.44 33.10
N GLY B 10 -26.50 30.03 32.59
CA GLY B 10 -26.07 30.44 31.28
C GLY B 10 -26.51 29.48 30.18
N PRO B 11 -25.88 29.60 29.01
CA PRO B 11 -26.20 28.68 27.90
C PRO B 11 -25.88 27.25 28.27
N MET B 12 -26.78 26.34 27.90
CA MET B 12 -26.55 24.93 28.14
C MET B 12 -25.33 24.45 27.39
N GLN B 13 -24.40 23.81 28.11
CA GLN B 13 -23.19 23.35 27.45
C GLN B 13 -23.37 22.00 26.76
N THR B 14 -24.27 21.15 27.25
CA THR B 14 -24.49 19.83 26.67
C THR B 14 -25.98 19.56 26.58
N LEU B 15 -26.44 19.12 25.42
CA LEU B 15 -27.80 18.64 25.26
C LEU B 15 -27.79 17.12 25.30
N ILE B 16 -28.48 16.54 26.26
CA ILE B 16 -28.54 15.09 26.42
C ILE B 16 -29.92 14.65 25.94
N PHE B 17 -29.98 14.17 24.70
CA PHE B 17 -31.23 13.62 24.21
C PHE B 17 -31.51 12.29 24.89
N PHE B 18 -32.79 12.03 25.18
CA PHE B 18 -33.14 11.03 26.20
C PHE B 18 -34.49 10.39 25.89
N ASP B 19 -34.56 9.06 25.99
CA ASP B 19 -35.83 8.37 25.89
C ASP B 19 -35.77 7.08 26.70
N MET B 20 -36.92 6.68 27.25
CA MET B 20 -37.03 5.41 27.94
C MET B 20 -38.21 4.61 27.36
N GLU B 21 -38.14 3.30 27.57
CA GLU B 21 -39.28 2.40 27.43
C GLU B 21 -39.58 1.78 28.79
N ALA B 22 -40.85 1.45 29.01
CA ALA B 22 -41.29 1.02 30.33
C ALA B 22 -42.43 0.02 30.16
N THR B 23 -42.92 -0.50 31.29
CA THR B 23 -43.91 -1.57 31.29
C THR B 23 -45.31 -1.11 30.90
N GLY B 24 -45.57 0.20 30.80
CA GLY B 24 -46.91 0.63 30.46
C GLY B 24 -47.09 2.13 30.59
N LEU B 25 -48.35 2.54 30.72
CA LEU B 25 -48.77 3.93 30.77
C LEU B 25 -48.66 4.46 32.20
N PRO B 26 -48.66 5.80 32.35
CA PRO B 26 -48.42 6.37 33.69
C PRO B 26 -49.33 5.86 34.80
N PHE B 27 -50.62 5.64 34.50
CA PHE B 27 -51.54 5.19 35.55
C PHE B 27 -51.17 3.83 36.10
N SER B 28 -50.40 3.03 35.37
CA SER B 28 -50.03 1.70 35.84
C SER B 28 -48.79 1.71 36.71
N GLN B 29 -48.23 2.88 37.01
CA GLN B 29 -46.97 3.01 37.72
C GLN B 29 -45.88 2.18 37.02
N PRO B 30 -45.55 2.53 35.79
CA PRO B 30 -44.66 1.68 34.99
C PRO B 30 -43.24 1.72 35.51
N LYS B 31 -42.49 0.67 35.18
CA LYS B 31 -41.08 0.55 35.54
C LYS B 31 -40.24 0.53 34.28
N VAL B 32 -39.06 1.16 34.34
CA VAL B 32 -38.22 1.32 33.16
C VAL B 32 -37.73 -0.02 32.66
N THR B 33 -37.84 -0.22 31.34
CA THR B 33 -37.32 -1.41 30.68
C THR B 33 -36.12 -1.14 29.80
N GLU B 34 -35.94 0.09 29.33
CA GLU B 34 -34.86 0.44 28.41
C GLU B 34 -34.67 1.95 28.46
N LEU B 35 -33.42 2.38 28.31
CA LEU B 35 -33.12 3.79 28.35
C LEU B 35 -31.97 4.09 27.39
N CYS B 36 -31.95 5.32 26.89
CA CYS B 36 -30.85 5.76 26.05
C CYS B 36 -30.62 7.24 26.32
N LEU B 37 -29.36 7.61 26.41
CA LEU B 37 -28.91 8.99 26.58
C LEU B 37 -27.89 9.25 25.48
N LEU B 38 -28.04 10.38 24.80
CA LEU B 38 -27.13 10.77 23.75
C LEU B 38 -26.72 12.20 24.04
N ALA B 39 -25.49 12.40 24.49
CA ALA B 39 -25.04 13.70 24.95
C ALA B 39 -24.35 14.43 23.80
N VAL B 40 -24.84 15.62 23.49
CA VAL B 40 -24.37 16.40 22.36
C VAL B 40 -23.94 17.77 22.86
N HIS B 41 -22.73 18.17 22.51
CA HIS B 41 -22.22 19.48 22.89
C HIS B 41 -22.91 20.58 22.10
N ARG B 42 -23.03 21.75 22.74
CA ARG B 42 -23.73 22.89 22.15
C ARG B 42 -23.19 23.22 20.76
N CYS B 43 -21.87 23.12 20.56
CA CYS B 43 -21.29 23.55 19.28
CA CYS B 43 -21.29 23.55 19.28
C CYS B 43 -21.75 22.67 18.12
N ALA B 44 -22.17 21.42 18.39
CA ALA B 44 -22.70 20.58 17.32
C ALA B 44 -23.99 21.12 16.73
N LEU B 45 -24.74 21.94 17.48
CA LEU B 45 -25.95 22.57 16.97
C LEU B 45 -25.82 24.07 16.77
N GLU B 46 -24.80 24.71 17.33
CA GLU B 46 -24.60 26.14 17.11
C GLU B 46 -23.83 26.39 15.83
N SER B 47 -22.89 25.51 15.52
CA SER B 47 -22.11 25.55 14.28
C SER B 47 -21.97 24.12 13.79
N PRO B 48 -23.00 23.59 13.11
CA PRO B 48 -23.04 22.20 12.63
C PRO B 48 -21.84 21.82 11.75
N PRO B 54 -24.73 17.43 -2.58
CA PRO B 54 -25.89 18.21 -2.11
C PRO B 54 -26.27 17.91 -0.66
N PRO B 55 -26.97 18.84 -0.01
CA PRO B 55 -27.39 18.64 1.37
C PRO B 55 -28.34 17.46 1.50
N PRO B 56 -28.22 16.67 2.56
CA PRO B 56 -29.14 15.54 2.75
C PRO B 56 -30.50 16.01 3.25
N THR B 57 -31.48 15.11 3.12
CA THR B 57 -32.78 15.42 3.69
C THR B 57 -32.74 15.36 5.22
N VAL B 58 -32.10 14.34 5.77
CA VAL B 58 -31.96 14.19 7.22
C VAL B 58 -30.57 14.66 7.63
N PRO B 59 -30.45 15.58 8.58
CA PRO B 59 -29.12 16.02 9.01
C PRO B 59 -28.31 14.86 9.57
N PRO B 60 -27.03 14.79 9.25
CA PRO B 60 -26.19 13.73 9.81
C PRO B 60 -25.92 14.00 11.28
N PRO B 61 -25.99 12.98 12.14
CA PRO B 61 -25.67 13.18 13.56
C PRO B 61 -24.24 13.67 13.71
N PRO B 62 -23.92 14.34 14.82
CA PRO B 62 -22.54 14.79 15.02
C PRO B 62 -21.58 13.61 15.14
N ARG B 63 -20.39 13.79 14.59
CA ARG B 63 -19.33 12.78 14.69
C ARG B 63 -18.93 12.52 16.14
N VAL B 64 -18.93 13.56 16.98
CA VAL B 64 -18.44 13.50 18.36
C VAL B 64 -19.66 13.49 19.28
N VAL B 65 -20.09 12.30 19.69
CA VAL B 65 -21.21 12.17 20.61
C VAL B 65 -20.86 11.14 21.66
N ASP B 66 -21.48 11.26 22.83
CA ASP B 66 -21.49 10.20 23.83
C ASP B 66 -22.86 9.54 23.82
N LYS B 67 -22.89 8.21 23.82
CA LYS B 67 -24.13 7.45 23.77
C LYS B 67 -24.11 6.33 24.80
N LEU B 68 -25.22 6.15 25.50
CA LEU B 68 -25.38 5.05 26.46
C LEU B 68 -26.77 4.47 26.31
N SER B 69 -26.85 3.16 26.05
CA SER B 69 -28.12 2.47 25.89
C SER B 69 -28.14 1.21 26.73
N LEU B 70 -29.18 1.06 27.56
CA LEU B 70 -29.22 -0.02 28.52
C LEU B 70 -30.62 -0.61 28.62
N CYS B 71 -30.69 -1.92 28.79
CA CYS B 71 -31.94 -2.59 29.13
C CYS B 71 -31.97 -2.86 30.63
N VAL B 72 -33.18 -2.91 31.17
CA VAL B 72 -33.41 -2.83 32.61
C VAL B 72 -34.45 -3.88 33.00
N ALA B 73 -34.15 -4.67 34.01
CA ALA B 73 -35.11 -5.65 34.49
C ALA B 73 -36.16 -4.94 35.35
N PRO B 74 -37.39 -4.79 34.87
CA PRO B 74 -38.43 -4.19 35.71
C PRO B 74 -38.88 -5.20 36.75
N GLY B 75 -39.41 -4.69 37.84
CA GLY B 75 -39.80 -5.58 38.92
C GLY B 75 -41.06 -6.37 38.66
N LYS B 76 -41.63 -6.23 37.46
CA LYS B 76 -42.97 -6.74 37.21
C LYS B 76 -43.15 -6.95 35.71
N ALA B 77 -44.32 -7.46 35.36
CA ALA B 77 -44.66 -7.81 33.99
C ALA B 77 -45.01 -6.57 33.17
N CYS B 78 -44.54 -6.52 31.94
CA CYS B 78 -45.01 -5.50 31.02
C CYS B 78 -46.49 -5.71 30.72
N SER B 79 -47.22 -4.62 30.55
CA SER B 79 -48.56 -4.76 30.02
C SER B 79 -48.47 -5.35 28.61
N PRO B 80 -49.46 -6.13 28.19
CA PRO B 80 -49.38 -6.72 26.84
C PRO B 80 -49.22 -5.69 25.75
N ALA B 81 -49.92 -4.56 25.86
CA ALA B 81 -49.82 -3.54 24.82
C ALA B 81 -48.40 -2.97 24.72
N ALA B 82 -47.74 -2.78 25.87
CA ALA B 82 -46.37 -2.26 25.86
C ALA B 82 -45.39 -3.28 25.30
N SER B 83 -45.57 -4.56 25.65
CA SER B 83 -44.70 -5.59 25.10
C SER B 83 -44.80 -5.63 23.58
N GLU B 84 -46.03 -5.52 23.06
CA GLU B 84 -46.26 -5.53 21.62
C GLU B 84 -45.56 -4.37 20.95
N ILE B 85 -45.70 -3.17 21.50
CA ILE B 85 -45.12 -1.97 20.88
C ILE B 85 -43.60 -2.00 21.00
N THR B 86 -43.07 -2.37 22.16
CA THR B 86 -41.65 -2.19 22.40
C THR B 86 -40.81 -3.40 22.03
N GLY B 87 -41.42 -4.55 21.81
CA GLY B 87 -40.63 -5.75 21.59
C GLY B 87 -39.89 -6.26 22.81
N LEU B 88 -40.14 -5.69 23.99
CA LEU B 88 -39.53 -6.13 25.23
C LEU B 88 -40.57 -6.82 26.10
N SER B 89 -40.18 -7.88 26.78
CA SER B 89 -40.99 -8.49 27.83
C SER B 89 -40.11 -8.76 29.05
N THR B 90 -40.75 -8.87 30.22
CA THR B 90 -39.98 -9.10 31.44
C THR B 90 -39.24 -10.43 31.36
N ALA B 91 -39.88 -11.45 30.79
CA ALA B 91 -39.26 -12.77 30.69
C ALA B 91 -38.02 -12.74 29.80
N VAL B 92 -38.11 -12.08 28.66
CA VAL B 92 -36.95 -12.01 27.76
C VAL B 92 -35.82 -11.24 28.42
N LEU B 93 -36.13 -10.13 29.09
CA LEU B 93 -35.11 -9.38 29.80
C LEU B 93 -34.43 -10.26 30.85
N ALA B 94 -35.21 -11.07 31.57
CA ALA B 94 -34.60 -11.99 32.55
C ALA B 94 -33.75 -13.05 31.85
N ALA B 95 -34.13 -13.47 30.65
CA ALA B 95 -33.32 -14.44 29.93
C ALA B 95 -31.96 -13.85 29.55
N HIS B 96 -31.93 -12.55 29.24
CA HIS B 96 -30.67 -11.86 28.96
C HIS B 96 -29.98 -11.39 30.23
N GLY B 97 -30.41 -11.87 31.39
CA GLY B 97 -29.75 -11.58 32.65
C GLY B 97 -29.76 -10.13 33.08
N ARG B 98 -30.75 -9.35 32.65
CA ARG B 98 -30.73 -7.92 32.94
C ARG B 98 -30.92 -7.67 34.43
N GLN B 99 -30.24 -6.65 34.95
CA GLN B 99 -30.41 -6.25 36.32
C GLN B 99 -31.43 -5.13 36.42
N CYS B 100 -32.00 -4.98 37.62
CA CYS B 100 -33.05 -3.99 37.84
C CYS B 100 -32.43 -2.60 37.97
N PHE B 101 -33.30 -1.58 38.07
CA PHE B 101 -32.90 -0.19 38.26
C PHE B 101 -32.40 0.03 39.70
N ASP B 102 -31.13 -0.29 39.94
CA ASP B 102 -30.55 -0.26 41.28
C ASP B 102 -29.53 0.88 41.43
N ASP B 103 -28.78 0.87 42.53
CA ASP B 103 -27.86 1.96 42.83
C ASP B 103 -26.72 2.05 41.81
N ASN B 104 -26.19 0.90 41.37
CA ASN B 104 -25.11 0.93 40.39
C ASN B 104 -25.57 1.58 39.10
N LEU B 105 -26.82 1.36 38.69
CA LEU B 105 -27.30 1.99 37.47
C LEU B 105 -27.38 3.50 37.63
N ALA B 106 -27.82 3.97 38.80
CA ALA B 106 -27.80 5.40 39.07
C ALA B 106 -26.36 5.93 39.05
N ASN B 107 -25.42 5.20 39.66
CA ASN B 107 -24.02 5.63 39.58
C ASN B 107 -23.53 5.64 38.14
N LEU B 108 -23.98 4.67 37.34
CA LEU B 108 -23.59 4.62 35.94
C LEU B 108 -24.10 5.85 35.20
N LEU B 109 -25.40 6.14 35.33
CA LEU B 109 -25.96 7.32 34.70
C LEU B 109 -25.19 8.57 35.09
N LEU B 110 -24.89 8.73 36.37
CA LEU B 110 -24.21 9.95 36.81
C LEU B 110 -22.78 10.01 36.27
N ALA B 111 -22.07 8.88 36.26
CA ALA B 111 -20.72 8.88 35.70
C ALA B 111 -20.73 9.25 34.23
N PHE B 112 -21.76 8.83 33.49
CA PHE B 112 -21.88 9.22 32.09
C PHE B 112 -22.10 10.72 31.96
N LEU B 113 -23.02 11.26 32.74
CA LEU B 113 -23.29 12.69 32.70
C LEU B 113 -22.08 13.50 33.13
N ARG B 114 -21.31 13.01 34.10
CA ARG B 114 -20.13 13.75 34.53
C ARG B 114 -19.05 13.85 33.46
N ARG B 115 -19.17 13.10 32.36
CA ARG B 115 -18.25 13.26 31.25
C ARG B 115 -18.59 14.48 30.40
N GLN B 116 -19.75 15.10 30.62
CA GLN B 116 -20.29 16.19 29.82
C GLN B 116 -20.14 17.52 30.54
N PRO B 117 -19.71 18.55 29.82
CA PRO B 117 -19.65 19.90 30.40
C PRO B 117 -21.01 20.34 30.93
N GLN B 118 -20.98 21.11 32.01
CA GLN B 118 -22.20 21.61 32.61
C GLN B 118 -22.42 23.06 32.21
N PRO B 119 -23.66 23.56 32.25
CA PRO B 119 -24.94 22.91 32.59
C PRO B 119 -25.39 21.83 31.60
N TRP B 120 -26.11 20.81 32.10
CA TRP B 120 -26.73 19.77 31.30
C TRP B 120 -28.18 20.12 31.05
N CYS B 121 -28.69 19.80 29.86
CA CYS B 121 -30.12 19.88 29.62
C CYS B 121 -30.61 18.59 28.98
N LEU B 122 -31.30 17.76 29.75
CA LEU B 122 -31.99 16.62 29.18
C LEU B 122 -33.07 17.10 28.21
N VAL B 123 -33.25 16.35 27.12
CA VAL B 123 -34.30 16.63 26.15
C VAL B 123 -35.02 15.31 25.87
N ALA B 124 -36.34 15.28 26.08
CA ALA B 124 -37.13 14.07 25.91
C ALA B 124 -38.49 14.40 25.34
N HIS B 125 -38.96 13.57 24.42
CA HIS B 125 -40.19 13.89 23.71
C HIS B 125 -41.40 13.57 24.59
N ASN B 126 -42.23 14.59 24.85
CA ASN B 126 -43.27 14.52 25.88
C ASN B 126 -42.64 14.26 27.25
N GLY B 127 -41.43 14.79 27.44
CA GLY B 127 -40.68 14.50 28.66
C GLY B 127 -41.43 14.87 29.92
N ASP B 128 -42.12 16.02 29.91
CA ASP B 128 -42.78 16.51 31.11
C ASP B 128 -43.86 15.56 31.61
N ARG B 129 -44.43 14.73 30.74
CA ARG B 129 -45.48 13.81 31.17
C ARG B 129 -45.00 12.38 31.35
N TYR B 130 -43.81 12.03 30.85
CA TYR B 130 -43.42 10.63 30.96
C TYR B 130 -41.97 10.46 31.35
N ASP B 131 -41.02 10.74 30.44
CA ASP B 131 -39.62 10.42 30.72
C ASP B 131 -39.12 11.09 31.99
N PHE B 132 -39.41 12.38 32.17
CA PHE B 132 -38.86 13.08 33.34
C PHE B 132 -39.48 12.60 34.64
N PRO B 133 -40.81 12.56 34.80
CA PRO B 133 -41.36 12.03 36.06
C PRO B 133 -40.94 10.61 36.32
N LEU B 134 -40.76 9.81 35.27
CA LEU B 134 -40.51 8.38 35.47
C LEU B 134 -39.10 8.15 35.98
N LEU B 135 -38.10 8.78 35.35
CA LEU B 135 -36.76 8.77 35.87
C LEU B 135 -36.72 9.24 37.32
N GLN B 136 -37.44 10.32 37.62
CA GLN B 136 -37.48 10.84 38.98
C GLN B 136 -38.11 9.85 39.95
N ALA B 137 -39.11 9.08 39.50
CA ALA B 137 -39.65 8.03 40.33
C ALA B 137 -38.60 6.97 40.62
N GLU B 138 -37.89 6.53 39.59
CA GLU B 138 -36.89 5.48 39.77
C GLU B 138 -35.80 5.93 40.75
N LEU B 139 -35.29 7.15 40.55
CA LEU B 139 -34.30 7.69 41.47
C LEU B 139 -34.88 7.87 42.86
N ALA B 140 -36.14 8.30 42.97
CA ALA B 140 -36.74 8.49 44.28
C ALA B 140 -36.84 7.16 45.03
N MET B 141 -37.22 6.08 44.35
CA MET B 141 -37.35 4.80 45.04
C MET B 141 -36.02 4.35 45.62
N LEU B 142 -34.91 4.81 45.05
CA LEU B 142 -33.58 4.52 45.58
C LEU B 142 -33.10 5.57 46.58
N GLY B 143 -33.95 6.54 46.92
CA GLY B 143 -33.56 7.64 47.77
C GLY B 143 -32.62 8.65 47.13
N LEU B 144 -32.42 8.57 45.82
CA LEU B 144 -31.53 9.50 45.13
C LEU B 144 -32.31 10.63 44.45
N THR B 145 -33.29 11.18 45.19
CA THR B 145 -34.16 12.21 44.64
C THR B 145 -33.41 13.48 44.25
N SER B 146 -32.24 13.73 44.85
CA SER B 146 -31.47 14.93 44.57
C SER B 146 -30.24 14.68 43.71
N ALA B 147 -30.13 13.50 43.08
CA ALA B 147 -28.91 13.19 42.33
C ALA B 147 -28.81 13.99 41.04
N LEU B 148 -29.94 14.40 40.47
CA LEU B 148 -29.96 15.19 39.25
C LEU B 148 -30.41 16.62 39.48
N ASP B 149 -30.24 17.14 40.69
CA ASP B 149 -30.74 18.48 40.99
C ASP B 149 -30.00 19.55 40.20
N GLY B 150 -28.74 19.31 39.84
CA GLY B 150 -28.01 20.28 39.06
C GLY B 150 -28.36 20.30 37.60
N ALA B 151 -29.23 19.41 37.15
CA ALA B 151 -29.51 19.28 35.73
C ALA B 151 -30.72 20.11 35.34
N PHE B 152 -30.84 20.36 34.04
CA PHE B 152 -32.00 21.03 33.48
C PHE B 152 -32.67 20.10 32.48
N CYS B 153 -33.92 20.42 32.14
CA CYS B 153 -34.66 19.58 31.21
C CYS B 153 -35.58 20.44 30.35
N VAL B 154 -35.91 19.88 29.19
CA VAL B 154 -36.77 20.52 28.19
C VAL B 154 -37.62 19.44 27.54
N ASP B 155 -38.90 19.74 27.36
CA ASP B 155 -39.80 18.86 26.60
C ASP B 155 -39.72 19.26 25.13
N SER B 156 -39.36 18.30 24.28
CA SER B 156 -39.18 18.64 22.88
C SER B 156 -40.51 18.81 22.15
N ILE B 157 -41.62 18.37 22.73
CA ILE B 157 -42.91 18.65 22.11
C ILE B 157 -43.23 20.13 22.24
N THR B 158 -43.04 20.69 23.44
CA THR B 158 -43.22 22.12 23.62
C THR B 158 -42.26 22.91 22.74
N ALA B 159 -40.99 22.49 22.67
CA ALA B 159 -40.01 23.22 21.89
C ALA B 159 -40.35 23.19 20.41
N LEU B 160 -40.77 22.03 19.90
CA LEU B 160 -41.04 21.92 18.48
C LEU B 160 -42.31 22.66 18.10
N LYS B 161 -43.31 22.70 19.00
CA LYS B 161 -44.48 23.54 18.76
C LYS B 161 -44.09 24.99 18.59
N ALA B 162 -43.25 25.49 19.50
CA ALA B 162 -42.79 26.88 19.41
C ALA B 162 -41.98 27.11 18.14
N LEU B 163 -41.04 26.21 17.84
CA LEU B 163 -40.21 26.38 16.66
C LEU B 163 -41.04 26.32 15.38
N GLU B 164 -42.02 25.42 15.33
CA GLU B 164 -42.79 25.23 14.11
C GLU B 164 -43.71 26.41 13.86
N ARG B 165 -44.34 26.95 14.90
CA ARG B 165 -45.27 28.06 14.77
C ARG B 165 -44.59 29.41 14.57
N ALA B 166 -43.29 29.50 14.82
CA ALA B 166 -42.56 30.76 14.71
C ALA B 166 -41.91 30.89 13.33
N LYS B 176 -52.88 19.50 14.03
CA LYS B 176 -51.68 18.82 13.57
C LYS B 176 -51.00 18.03 14.69
N SER B 177 -50.63 16.78 14.40
CA SER B 177 -50.06 15.90 15.40
C SER B 177 -48.60 16.22 15.71
N TYR B 178 -48.25 16.16 17.00
CA TYR B 178 -46.88 16.43 17.41
C TYR B 178 -46.23 15.22 18.06
N SER B 179 -46.63 14.01 17.67
CA SER B 179 -45.90 12.83 18.10
C SER B 179 -44.57 12.76 17.35
N LEU B 180 -43.64 11.96 17.88
CA LEU B 180 -42.32 11.90 17.29
C LEU B 180 -42.39 11.47 15.84
N GLY B 181 -43.21 10.47 15.54
CA GLY B 181 -43.37 10.01 14.17
C GLY B 181 -43.91 11.09 13.25
N SER B 182 -44.97 11.78 13.69
CA SER B 182 -45.59 12.79 12.84
C SER B 182 -44.66 13.96 12.56
N ILE B 183 -43.87 14.37 13.55
CA ILE B 183 -42.94 15.47 13.34
C ILE B 183 -41.84 15.06 12.37
N TYR B 184 -41.24 13.90 12.62
CA TYR B 184 -40.18 13.40 11.77
C TYR B 184 -40.63 13.34 10.32
N THR B 185 -41.80 12.74 10.06
CA THR B 185 -42.28 12.56 8.70
C THR B 185 -42.66 13.90 8.08
N ARG B 186 -43.36 14.76 8.83
CA ARG B 186 -43.68 16.09 8.35
C ARG B 186 -42.41 16.87 7.99
N LEU B 187 -41.33 16.72 8.77
CA LEU B 187 -40.10 17.46 8.51
C LEU B 187 -39.29 16.82 7.39
N TYR B 188 -39.10 15.50 7.44
CA TYR B 188 -38.13 14.81 6.61
C TYR B 188 -38.76 13.92 5.55
N GLY B 189 -40.09 13.83 5.51
CA GLY B 189 -40.74 13.16 4.39
C GLY B 189 -40.62 11.66 4.38
N GLN B 190 -40.16 11.07 5.48
CA GLN B 190 -39.92 9.63 5.58
C GLN B 190 -40.01 9.24 7.04
N SER B 191 -40.16 7.94 7.28
CA SER B 191 -40.31 7.53 8.66
C SER B 191 -38.95 7.20 9.26
N PRO B 192 -38.76 7.43 10.57
CA PRO B 192 -37.47 7.11 11.17
C PRO B 192 -37.34 5.61 11.37
N PRO B 193 -36.11 5.09 11.34
CA PRO B 193 -35.92 3.66 11.57
C PRO B 193 -35.97 3.32 13.05
N ASP B 194 -36.31 2.07 13.32
CA ASP B 194 -36.19 1.48 14.67
C ASP B 194 -37.05 2.23 15.69
N SER B 195 -38.31 2.49 15.33
CA SER B 195 -39.19 3.21 16.24
C SER B 195 -39.53 2.36 17.46
N HIS B 196 -39.87 3.04 18.56
CA HIS B 196 -40.34 2.40 19.77
C HIS B 196 -39.28 1.54 20.43
N THR B 197 -38.02 1.85 20.14
CA THR B 197 -36.88 1.49 20.97
C THR B 197 -36.35 2.77 21.61
N ALA B 198 -35.66 2.63 22.75
CA ALA B 198 -35.08 3.81 23.39
C ALA B 198 -34.05 4.46 22.49
N GLU B 199 -33.14 3.68 21.90
CA GLU B 199 -32.10 4.27 21.06
C GLU B 199 -32.67 4.80 19.75
N GLY B 200 -33.60 4.07 19.12
CA GLY B 200 -34.20 4.55 17.88
C GLY B 200 -34.91 5.88 18.07
N ASP B 201 -35.74 5.99 19.12
CA ASP B 201 -36.47 7.23 19.37
C ASP B 201 -35.54 8.38 19.75
N VAL B 202 -34.38 8.07 20.32
CA VAL B 202 -33.43 9.13 20.66
C VAL B 202 -32.74 9.66 19.41
N LEU B 203 -32.32 8.77 18.52
CA LEU B 203 -31.72 9.19 17.25
C LEU B 203 -32.70 9.98 16.39
N ALA B 204 -33.97 9.54 16.37
CA ALA B 204 -35.01 10.29 15.68
C ALA B 204 -35.16 11.68 16.29
N LEU B 205 -35.16 11.76 17.63
CA LEU B 205 -35.32 13.05 18.30
C LEU B 205 -34.16 13.98 17.98
N LEU B 206 -32.95 13.43 17.99
CA LEU B 206 -31.77 14.17 17.55
C LEU B 206 -32.00 14.79 16.18
N SER B 207 -32.45 13.98 15.22
CA SER B 207 -32.68 14.48 13.87
C SER B 207 -33.68 15.63 13.86
N ILE B 208 -34.77 15.49 14.61
CA ILE B 208 -35.80 16.54 14.63
C ILE B 208 -35.22 17.83 15.18
N CYS B 209 -34.41 17.73 16.24
CA CYS B 209 -33.86 18.91 16.89
C CYS B 209 -32.77 19.57 16.04
N GLN B 210 -32.16 18.82 15.12
CA GLN B 210 -31.20 19.34 14.17
C GLN B 210 -31.86 20.02 12.96
N TRP B 211 -33.19 20.07 12.90
CA TRP B 211 -33.87 20.73 11.80
C TRP B 211 -33.54 22.21 11.73
N ARG B 212 -33.84 22.96 12.79
CA ARG B 212 -33.43 24.36 12.94
C ARG B 212 -32.64 24.42 14.24
N PRO B 213 -31.37 23.99 14.20
CA PRO B 213 -30.63 23.82 15.48
C PRO B 213 -30.40 25.11 16.22
N GLN B 214 -30.15 26.22 15.50
CA GLN B 214 -29.95 27.50 16.18
C GLN B 214 -31.20 27.94 16.92
N ALA B 215 -32.33 27.96 16.22
CA ALA B 215 -33.60 28.32 16.85
C ALA B 215 -33.86 27.44 18.07
N LEU B 216 -33.53 26.15 18.00
CA LEU B 216 -33.77 25.26 19.14
C LEU B 216 -32.87 25.62 20.32
N LEU B 217 -31.60 25.91 20.06
CA LEU B 217 -30.69 26.29 21.14
C LEU B 217 -31.18 27.55 21.86
N ARG B 218 -31.72 28.50 21.11
CA ARG B 218 -32.22 29.72 21.77
C ARG B 218 -33.49 29.43 22.55
N TRP B 219 -34.29 28.45 22.12
CA TRP B 219 -35.48 28.11 22.89
C TRP B 219 -35.10 27.34 24.15
N VAL B 220 -34.11 26.45 24.05
CA VAL B 220 -33.67 25.68 25.21
C VAL B 220 -33.05 26.61 26.26
N ASP B 221 -32.15 27.50 25.83
CA ASP B 221 -31.53 28.44 26.77
C ASP B 221 -32.56 29.28 27.50
N ALA B 222 -33.69 29.60 26.85
CA ALA B 222 -34.71 30.44 27.44
C ALA B 222 -35.78 29.67 28.21
N HIS B 223 -35.81 28.34 28.12
CA HIS B 223 -36.83 27.55 28.78
C HIS B 223 -36.27 26.38 29.57
N ALA B 224 -34.96 26.31 29.73
CA ALA B 224 -34.33 25.24 30.50
C ALA B 224 -34.88 25.21 31.92
N ARG B 225 -35.55 24.13 32.27
CA ARG B 225 -36.25 24.00 33.55
C ARG B 225 -35.46 23.15 34.52
N PRO B 226 -35.18 23.63 35.73
CA PRO B 226 -34.46 22.79 36.72
C PRO B 226 -35.17 21.45 36.88
N PHE B 227 -34.38 20.37 36.83
CA PHE B 227 -34.95 19.03 36.87
C PHE B 227 -35.51 18.70 38.24
N GLY B 228 -34.90 19.24 39.30
CA GLY B 228 -35.40 19.03 40.66
C GLY B 228 -36.80 19.53 40.91
N THR B 229 -37.35 20.33 39.99
CA THR B 229 -38.76 20.71 40.09
C THR B 229 -39.68 19.73 39.39
N ILE B 230 -39.14 18.66 38.82
CA ILE B 230 -39.96 17.62 38.22
C ILE B 230 -40.39 16.66 39.31
N ARG B 231 -41.70 16.53 39.53
CA ARG B 231 -42.20 15.65 40.56
C ARG B 231 -42.22 14.20 40.09
N PRO B 232 -41.93 13.25 40.97
CA PRO B 232 -41.98 11.83 40.61
C PRO B 232 -43.35 11.44 40.04
N MET B 233 -43.33 10.54 39.05
CA MET B 233 -44.57 10.03 38.48
C MET B 233 -45.39 9.30 39.55
N TYR B 234 -44.74 8.43 40.32
CA TYR B 234 -45.33 7.81 41.50
C TYR B 234 -44.34 7.62 42.63
N GLY B 235 -43.04 7.73 42.36
CA GLY B 235 -41.99 7.72 43.37
C GLY B 235 -41.99 6.60 44.39
N PRO E 8 -4.66 6.57 -12.58
CA PRO E 8 -3.28 6.41 -13.03
C PRO E 8 -3.07 5.17 -13.91
N PRO E 9 -1.88 5.01 -14.51
CA PRO E 9 -1.63 3.86 -15.39
C PRO E 9 -1.49 2.52 -14.68
N GLY E 10 -1.67 2.47 -13.36
CA GLY E 10 -1.52 1.22 -12.64
C GLY E 10 -0.07 0.88 -12.33
N PRO E 11 0.19 -0.37 -11.96
CA PRO E 11 1.55 -0.75 -11.57
C PRO E 11 2.49 -0.80 -12.78
N MET E 12 3.69 -0.27 -12.60
CA MET E 12 4.68 -0.30 -13.67
C MET E 12 5.10 -1.73 -13.96
N GLN E 13 5.14 -2.09 -15.24
CA GLN E 13 5.56 -3.43 -15.62
C GLN E 13 7.05 -3.54 -15.94
N THR E 14 7.72 -2.44 -16.28
CA THR E 14 9.14 -2.49 -16.57
C THR E 14 9.83 -1.30 -15.91
N LEU E 15 10.90 -1.58 -15.20
CA LEU E 15 11.76 -0.53 -14.67
C LEU E 15 13.02 -0.49 -15.53
N ILE E 16 13.25 0.64 -16.18
CA ILE E 16 14.41 0.81 -17.06
C ILE E 16 15.40 1.69 -16.32
N PHE E 17 16.38 1.08 -15.67
CA PHE E 17 17.40 1.86 -14.98
C PHE E 17 18.31 2.56 -15.99
N PHE E 18 18.58 3.84 -15.74
CA PHE E 18 19.05 4.75 -16.77
C PHE E 18 20.14 5.68 -16.23
N ASP E 19 21.26 5.74 -16.93
CA ASP E 19 22.29 6.73 -16.66
C ASP E 19 22.90 7.21 -17.98
N MET E 20 23.35 8.47 -17.97
CA MET E 20 24.10 9.05 -19.08
C MET E 20 25.37 9.70 -18.55
N GLU E 21 26.34 9.85 -19.46
CA GLU E 21 27.51 10.69 -19.25
C GLU E 21 27.47 11.79 -20.31
N ALA E 22 28.13 12.91 -20.03
CA ALA E 22 28.04 14.04 -20.96
C ALA E 22 29.30 14.90 -20.80
N THR E 23 29.32 16.01 -21.52
CA THR E 23 30.51 16.85 -21.64
C THR E 23 30.74 17.78 -20.47
N GLY E 24 29.79 17.91 -19.54
CA GLY E 24 29.95 18.83 -18.44
C GLY E 24 28.68 18.95 -17.62
N LEU E 25 28.61 20.03 -16.84
CA LEU E 25 27.50 20.27 -15.92
C LEU E 25 26.39 21.05 -16.60
N PRO E 26 25.17 21.06 -16.02
CA PRO E 26 24.02 21.66 -16.72
C PRO E 26 24.23 23.09 -17.18
N PHE E 27 25.06 23.88 -16.47
CA PHE E 27 25.29 25.25 -16.90
C PHE E 27 25.97 25.31 -18.25
N SER E 28 26.79 24.31 -18.57
CA SER E 28 27.56 24.30 -19.81
C SER E 28 26.74 23.88 -21.01
N GLN E 29 25.45 23.62 -20.83
CA GLN E 29 24.59 23.05 -21.87
C GLN E 29 25.22 21.77 -22.43
N PRO E 30 25.39 20.75 -21.60
CA PRO E 30 26.21 19.59 -22.01
C PRO E 30 25.53 18.75 -23.08
N LYS E 31 26.33 17.91 -23.71
CA LYS E 31 25.88 16.97 -24.72
C LYS E 31 26.22 15.56 -24.30
N VAL E 32 25.26 14.64 -24.47
CA VAL E 32 25.46 13.25 -24.08
C VAL E 32 26.66 12.66 -24.80
N THR E 33 27.49 11.92 -24.06
CA THR E 33 28.60 11.16 -24.62
C THR E 33 28.48 9.66 -24.40
N GLU E 34 27.60 9.21 -23.50
CA GLU E 34 27.44 7.79 -23.23
C GLU E 34 26.11 7.58 -22.52
N LEU E 35 25.43 6.48 -22.82
CA LEU E 35 24.14 6.18 -22.20
C LEU E 35 24.05 4.69 -21.90
N CYS E 36 23.18 4.35 -20.94
CA CYS E 36 22.93 2.96 -20.65
C CYS E 36 21.50 2.80 -20.13
N LEU E 37 20.78 1.85 -20.70
CA LEU E 37 19.44 1.48 -20.25
C LEU E 37 19.47 0.02 -19.87
N LEU E 38 18.90 -0.30 -18.70
CA LEU E 38 18.80 -1.68 -18.23
C LEU E 38 17.36 -1.91 -17.82
N ALA E 39 16.64 -2.65 -18.67
CA ALA E 39 15.23 -2.93 -18.47
C ALA E 39 15.07 -4.19 -17.62
N VAL E 40 14.29 -4.08 -16.56
CA VAL E 40 14.02 -5.19 -15.64
C VAL E 40 12.52 -5.30 -15.48
N HIS E 41 11.99 -6.49 -15.70
CA HIS E 41 10.57 -6.71 -15.46
C HIS E 41 10.28 -6.65 -13.96
N ARG E 42 9.08 -6.17 -13.61
CA ARG E 42 8.71 -6.03 -12.21
C ARG E 42 8.73 -7.35 -11.44
N CYS E 43 8.58 -8.49 -12.13
CA CYS E 43 8.61 -9.78 -11.44
C CYS E 43 10.00 -10.15 -10.94
N ALA E 44 11.02 -9.35 -11.24
CA ALA E 44 12.32 -9.54 -10.60
C ALA E 44 12.44 -8.73 -9.32
N LEU E 45 11.66 -7.66 -9.17
CA LEU E 45 11.55 -6.93 -7.92
C LEU E 45 10.47 -7.52 -7.02
N GLU E 46 9.28 -7.75 -7.58
CA GLU E 46 8.31 -8.64 -6.93
C GLU E 46 8.86 -10.06 -6.93
N SER E 47 8.80 -10.72 -5.79
CA SER E 47 9.26 -12.10 -5.67
C SER E 47 10.63 -12.31 -6.33
N PRO E 48 11.70 -11.75 -5.78
CA PRO E 48 13.04 -12.04 -6.31
C PRO E 48 13.43 -13.47 -5.99
N PRO E 49 14.38 -14.04 -6.74
CA PRO E 49 14.79 -15.43 -6.48
C PRO E 49 15.37 -15.60 -5.08
N THR E 50 15.39 -16.85 -4.63
CA THR E 50 15.82 -17.16 -3.27
C THR E 50 17.32 -16.95 -3.08
N PRO E 56 24.65 -13.21 -0.30
CA PRO E 56 24.67 -12.13 0.68
C PRO E 56 25.49 -10.92 0.24
N THR E 57 25.42 -9.85 1.04
CA THR E 57 25.91 -8.51 0.71
C THR E 57 25.19 -7.98 -0.52
N VAL E 58 25.84 -8.00 -1.68
CA VAL E 58 25.27 -7.34 -2.87
C VAL E 58 24.31 -8.30 -3.57
N PRO E 59 23.06 -7.91 -3.77
CA PRO E 59 22.10 -8.77 -4.49
C PRO E 59 22.56 -9.06 -5.91
N PRO E 60 22.39 -10.28 -6.38
CA PRO E 60 22.75 -10.59 -7.77
C PRO E 60 21.75 -9.97 -8.73
N PRO E 61 22.21 -9.48 -9.87
CA PRO E 61 21.27 -9.01 -10.91
C PRO E 61 20.35 -10.12 -11.37
N PRO E 62 19.16 -9.79 -11.86
CA PRO E 62 18.28 -10.83 -12.41
C PRO E 62 18.90 -11.49 -13.63
N ARG E 63 18.63 -12.79 -13.77
CA ARG E 63 19.06 -13.53 -14.95
C ARG E 63 18.51 -12.92 -16.23
N VAL E 64 17.24 -12.52 -16.21
CA VAL E 64 16.52 -12.04 -17.38
C VAL E 64 16.56 -10.52 -17.36
N VAL E 65 17.44 -9.93 -18.17
CA VAL E 65 17.54 -8.48 -18.30
C VAL E 65 17.80 -8.13 -19.76
N ASP E 66 17.31 -6.96 -20.16
CA ASP E 66 17.70 -6.32 -21.43
C ASP E 66 18.57 -5.10 -21.13
N LYS E 67 19.73 -5.03 -21.79
CA LYS E 67 20.73 -3.99 -21.58
C LYS E 67 21.14 -3.35 -22.91
N LEU E 68 21.40 -2.04 -22.87
CA LEU E 68 21.90 -1.28 -24.02
C LEU E 68 22.86 -0.21 -23.54
N SER E 69 24.08 -0.21 -24.08
CA SER E 69 25.09 0.78 -23.73
C SER E 69 25.70 1.33 -25.01
N LEU E 70 25.59 2.63 -25.22
CA LEU E 70 26.13 3.26 -26.43
C LEU E 70 26.98 4.46 -26.07
N CYS E 71 28.04 4.68 -26.84
CA CYS E 71 28.79 5.92 -26.77
C CYS E 71 28.35 6.86 -27.90
N VAL E 72 28.37 8.15 -27.61
CA VAL E 72 27.82 9.17 -28.50
C VAL E 72 28.88 10.23 -28.76
N ALA E 73 28.94 10.74 -29.99
CA ALA E 73 29.85 11.82 -30.35
C ALA E 73 29.19 13.15 -30.01
N PRO E 74 29.63 13.86 -28.98
CA PRO E 74 29.02 15.17 -28.69
C PRO E 74 29.36 16.16 -29.78
N GLY E 75 28.57 17.22 -29.86
CA GLY E 75 28.93 18.19 -30.87
C GLY E 75 30.11 19.06 -30.52
N LYS E 76 30.75 18.81 -29.38
CA LYS E 76 31.69 19.76 -28.80
C LYS E 76 32.64 19.03 -27.87
N ALA E 77 33.68 19.74 -27.48
CA ALA E 77 34.66 19.22 -26.53
C ALA E 77 34.03 18.95 -25.17
N CYS E 78 34.54 17.93 -24.49
CA CYS E 78 34.18 17.73 -23.10
C CYS E 78 34.98 18.68 -22.21
N SER E 79 34.41 19.02 -21.07
CA SER E 79 35.19 19.82 -20.12
C SER E 79 36.34 18.98 -19.58
N PRO E 80 37.45 19.62 -19.22
CA PRO E 80 38.55 18.88 -18.58
C PRO E 80 38.10 18.08 -17.37
N ALA E 81 37.24 18.65 -16.53
CA ALA E 81 36.72 17.93 -15.37
C ALA E 81 35.98 16.65 -15.81
N ALA E 82 35.00 16.80 -16.69
CA ALA E 82 34.24 15.65 -17.17
C ALA E 82 35.12 14.64 -17.90
N SER E 83 36.11 15.12 -18.67
CA SER E 83 37.03 14.20 -19.33
C SER E 83 37.79 13.36 -18.32
N GLU E 84 38.33 13.99 -17.26
CA GLU E 84 39.00 13.23 -16.20
C GLU E 84 38.03 12.26 -15.54
N ILE E 85 36.83 12.74 -15.20
CA ILE E 85 35.94 11.93 -14.38
C ILE E 85 35.41 10.73 -15.16
N THR E 86 35.02 10.95 -16.42
CA THR E 86 34.40 9.90 -17.21
C THR E 86 35.40 9.04 -17.96
N GLY E 87 36.62 9.54 -18.16
CA GLY E 87 37.55 8.89 -19.05
C GLY E 87 37.22 8.99 -20.52
N LEU E 88 36.29 9.86 -20.90
CA LEU E 88 35.99 10.11 -22.30
C LEU E 88 36.46 11.50 -22.71
N SER E 89 36.57 11.69 -24.02
CA SER E 89 36.81 13.00 -24.61
C SER E 89 36.23 12.98 -26.03
N THR E 90 36.00 14.17 -26.59
CA THR E 90 35.43 14.19 -27.92
C THR E 90 36.40 13.62 -28.96
N ALA E 91 37.71 13.81 -28.77
CA ALA E 91 38.67 13.29 -29.75
C ALA E 91 38.69 11.78 -29.75
N VAL E 92 38.77 11.16 -28.56
CA VAL E 92 38.82 9.71 -28.44
C VAL E 92 37.53 9.07 -28.94
N LEU E 93 36.39 9.74 -28.76
CA LEU E 93 35.15 9.25 -29.35
C LEU E 93 35.17 9.32 -30.87
N ALA E 94 35.71 10.40 -31.42
CA ALA E 94 35.85 10.49 -32.88
C ALA E 94 36.80 9.41 -33.40
N ALA E 95 37.84 9.08 -32.63
CA ALA E 95 38.76 8.02 -33.04
C ALA E 95 38.04 6.68 -33.13
N HIS E 96 37.12 6.42 -32.21
CA HIS E 96 36.36 5.19 -32.26
C HIS E 96 35.20 5.26 -33.24
N GLY E 97 35.12 6.33 -34.04
CA GLY E 97 34.13 6.45 -35.08
C GLY E 97 32.71 6.60 -34.58
N ARG E 98 32.52 7.26 -33.44
CA ARG E 98 31.20 7.37 -32.86
C ARG E 98 30.34 8.41 -33.58
N GLN E 99 29.05 8.12 -33.67
CA GLN E 99 28.09 8.99 -34.31
C GLN E 99 27.34 9.82 -33.27
N CYS E 100 26.77 10.92 -33.71
CA CYS E 100 26.09 11.84 -32.81
C CYS E 100 24.72 11.28 -32.41
N PHE E 101 23.99 12.08 -31.66
CA PHE E 101 22.63 11.78 -31.19
C PHE E 101 21.66 12.15 -32.30
N ASP E 102 21.26 11.18 -33.12
CA ASP E 102 20.50 11.45 -34.33
C ASP E 102 19.16 10.72 -34.29
N ASP E 103 18.43 10.78 -35.42
CA ASP E 103 17.15 10.10 -35.55
C ASP E 103 17.28 8.60 -35.34
N ASN E 104 18.29 7.99 -35.97
CA ASN E 104 18.49 6.56 -35.81
C ASN E 104 18.67 6.20 -34.33
N LEU E 105 19.43 7.00 -33.57
CA LEU E 105 19.62 6.66 -32.17
C LEU E 105 18.30 6.72 -31.42
N ALA E 106 17.50 7.76 -31.67
CA ALA E 106 16.17 7.82 -31.07
C ALA E 106 15.32 6.63 -31.50
N ASN E 107 15.44 6.19 -32.74
CA ASN E 107 14.70 5.00 -33.16
C ASN E 107 15.23 3.77 -32.44
N LEU E 108 16.56 3.67 -32.30
CA LEU E 108 17.15 2.59 -31.51
C LEU E 108 16.57 2.56 -30.10
N LEU E 109 16.64 3.68 -29.38
CA LEU E 109 16.17 3.71 -28.00
C LEU E 109 14.73 3.25 -27.91
N LEU E 110 13.86 3.78 -28.77
CA LEU E 110 12.46 3.41 -28.76
C LEU E 110 12.26 1.95 -29.11
N ALA E 111 12.97 1.45 -30.12
CA ALA E 111 12.89 0.03 -30.44
C ALA E 111 13.29 -0.82 -29.23
N PHE E 112 14.35 -0.43 -28.52
CA PHE E 112 14.73 -1.11 -27.28
C PHE E 112 13.57 -1.14 -26.30
N LEU E 113 12.95 0.03 -26.04
CA LEU E 113 11.86 0.11 -25.07
C LEU E 113 10.64 -0.71 -25.50
N ARG E 114 10.39 -0.83 -26.81
CA ARG E 114 9.24 -1.61 -27.26
C ARG E 114 9.41 -3.10 -27.01
N ARG E 115 10.63 -3.56 -26.73
CA ARG E 115 10.78 -4.94 -26.27
C ARG E 115 10.31 -5.13 -24.83
N GLN E 116 9.83 -4.07 -24.16
CA GLN E 116 9.46 -4.18 -22.76
C GLN E 116 7.97 -3.93 -22.57
N PRO E 117 7.31 -4.69 -21.70
CA PRO E 117 5.89 -4.43 -21.43
C PRO E 117 5.70 -3.04 -20.83
N GLN E 118 4.59 -2.42 -21.18
CA GLN E 118 4.23 -1.11 -20.68
C GLN E 118 3.27 -1.24 -19.50
N PRO E 119 3.21 -0.24 -18.61
CA PRO E 119 3.89 1.06 -18.60
C PRO E 119 5.39 0.98 -18.28
N TRP E 120 6.19 1.77 -18.98
CA TRP E 120 7.61 1.87 -18.68
C TRP E 120 7.86 2.93 -17.61
N CYS E 121 8.82 2.65 -16.73
CA CYS E 121 9.28 3.64 -15.76
C CYS E 121 10.81 3.74 -15.82
N LEU E 122 11.31 4.87 -16.32
CA LEU E 122 12.74 5.14 -16.26
C LEU E 122 13.14 5.52 -14.83
N VAL E 123 14.30 5.03 -14.40
CA VAL E 123 14.84 5.34 -13.07
C VAL E 123 16.26 5.86 -13.24
N ALA E 124 16.54 7.04 -12.67
CA ALA E 124 17.87 7.64 -12.80
C ALA E 124 18.22 8.46 -11.56
N HIS E 125 19.48 8.38 -11.16
CA HIS E 125 19.91 8.99 -9.90
C HIS E 125 20.13 10.50 -10.10
N ASN E 126 19.36 11.31 -9.37
CA ASN E 126 19.27 12.76 -9.60
C ASN E 126 18.69 13.05 -10.99
N GLY E 127 17.92 12.08 -11.51
CA GLY E 127 17.39 12.20 -12.86
C GLY E 127 16.55 13.43 -13.12
N ASP E 128 15.77 13.88 -12.13
CA ASP E 128 14.94 15.07 -12.33
C ASP E 128 15.77 16.32 -12.58
N ARG E 129 17.06 16.28 -12.27
CA ARG E 129 17.95 17.42 -12.49
C ARG E 129 18.89 17.23 -13.67
N TYR E 130 19.22 16.00 -14.04
CA TYR E 130 20.23 15.82 -15.06
C TYR E 130 19.78 14.88 -16.18
N ASP E 131 19.80 13.57 -15.94
CA ASP E 131 19.53 12.60 -16.99
C ASP E 131 18.19 12.84 -17.69
N PHE E 132 17.11 13.10 -16.92
CA PHE E 132 15.81 13.29 -17.57
C PHE E 132 15.76 14.58 -18.40
N PRO E 133 16.10 15.76 -17.87
CA PRO E 133 16.03 16.96 -18.72
C PRO E 133 17.07 16.95 -19.82
N LEU E 134 18.21 16.29 -19.60
CA LEU E 134 19.20 16.17 -20.67
C LEU E 134 18.70 15.26 -21.79
N LEU E 135 18.07 14.13 -21.45
CA LEU E 135 17.50 13.29 -22.50
C LEU E 135 16.42 14.06 -23.27
N GLN E 136 15.61 14.84 -22.55
CA GLN E 136 14.55 15.62 -23.19
C GLN E 136 15.13 16.74 -24.05
N ALA E 137 16.29 17.28 -23.69
CA ALA E 137 16.90 18.30 -24.53
C ALA E 137 17.44 17.70 -25.82
N GLU E 138 18.04 16.52 -25.73
CA GLU E 138 18.57 15.87 -26.94
C GLU E 138 17.43 15.50 -27.89
N LEU E 139 16.32 14.98 -27.37
CA LEU E 139 15.18 14.67 -28.24
C LEU E 139 14.53 15.95 -28.76
N ALA E 140 14.47 17.00 -27.93
CA ALA E 140 13.87 18.24 -28.40
C ALA E 140 14.70 18.87 -29.51
N MET E 141 16.04 18.73 -29.46
CA MET E 141 16.85 19.23 -30.56
C MET E 141 16.56 18.49 -31.86
N LEU E 142 16.20 17.20 -31.76
CA LEU E 142 15.81 16.43 -32.94
C LEU E 142 14.36 16.64 -33.32
N GLY E 143 13.61 17.47 -32.60
CA GLY E 143 12.19 17.60 -32.85
C GLY E 143 11.38 16.40 -32.46
N LEU E 144 11.92 15.53 -31.61
CA LEU E 144 11.18 14.37 -31.11
C LEU E 144 10.73 14.60 -29.67
N THR E 145 10.17 15.79 -29.43
CA THR E 145 9.72 16.22 -28.11
C THR E 145 8.64 15.32 -27.51
N SER E 146 8.11 14.35 -28.27
CA SER E 146 7.02 13.52 -27.79
C SER E 146 7.32 12.03 -27.82
N ALA E 147 8.49 11.62 -28.30
CA ALA E 147 8.76 10.19 -28.49
C ALA E 147 8.62 9.41 -27.20
N LEU E 148 8.98 10.00 -26.05
CA LEU E 148 8.90 9.33 -24.76
C LEU E 148 7.70 9.80 -23.94
N ASP E 149 6.62 10.21 -24.59
CA ASP E 149 5.45 10.68 -23.84
C ASP E 149 4.75 9.54 -23.13
N GLY E 150 4.84 8.32 -23.65
CA GLY E 150 4.19 7.20 -23.03
C GLY E 150 4.89 6.62 -21.83
N ALA E 151 6.06 7.12 -21.49
CA ALA E 151 6.87 6.60 -20.40
C ALA E 151 6.70 7.43 -19.14
N PHE E 152 6.98 6.80 -18.01
CA PHE E 152 6.99 7.44 -16.71
C PHE E 152 8.41 7.41 -16.16
N CYS E 153 8.65 8.22 -15.13
CA CYS E 153 9.99 8.30 -14.59
C CYS E 153 9.93 8.63 -13.11
N VAL E 154 10.95 8.16 -12.38
CA VAL E 154 11.14 8.49 -10.97
C VAL E 154 12.63 8.79 -10.75
N ASP E 155 12.89 9.57 -9.71
CA ASP E 155 14.25 9.87 -9.28
C ASP E 155 14.61 8.96 -8.11
N SER E 156 15.66 8.15 -8.28
CA SER E 156 16.04 7.20 -7.25
C SER E 156 16.60 7.88 -6.00
N ILE E 157 17.05 9.14 -6.12
CA ILE E 157 17.41 9.87 -4.90
C ILE E 157 16.17 10.12 -4.06
N THR E 158 15.05 10.46 -4.70
CA THR E 158 13.79 10.60 -3.96
C THR E 158 13.31 9.26 -3.43
N ALA E 159 13.40 8.21 -4.25
CA ALA E 159 12.98 6.88 -3.79
C ALA E 159 13.82 6.42 -2.61
N LEU E 160 15.13 6.63 -2.67
CA LEU E 160 16.00 6.13 -1.59
C LEU E 160 15.72 6.84 -0.28
N LYS E 161 15.44 8.15 -0.32
CA LYS E 161 15.15 8.88 0.91
C LYS E 161 13.92 8.33 1.60
N ALA E 162 12.93 7.85 0.83
CA ALA E 162 11.74 7.24 1.42
C ALA E 162 12.00 5.84 1.96
N LEU E 163 12.88 5.08 1.32
CA LEU E 163 13.15 3.72 1.77
C LEU E 163 14.09 3.68 2.97
N GLU E 164 15.02 4.65 3.06
CA GLU E 164 15.88 4.72 4.23
C GLU E 164 15.14 5.28 5.44
N ARG E 165 14.12 6.10 5.23
CA ARG E 165 13.32 6.64 6.31
C ARG E 165 12.46 5.55 6.94
N ARG E 175 24.07 16.73 6.75
CA ARG E 175 23.25 15.53 6.78
C ARG E 175 23.92 14.37 6.03
N LYS E 176 23.16 13.33 5.74
CA LYS E 176 23.72 12.19 5.02
C LYS E 176 23.82 12.49 3.54
N SER E 177 24.84 11.90 2.91
CA SER E 177 25.04 12.05 1.47
C SER E 177 24.22 11.01 0.73
N TYR E 178 23.49 11.43 -0.30
CA TYR E 178 22.64 10.55 -1.09
C TYR E 178 23.12 10.46 -2.53
N SER E 179 24.42 10.67 -2.75
CA SER E 179 24.99 10.35 -4.04
C SER E 179 25.01 8.83 -4.22
N LEU E 180 25.22 8.42 -5.48
CA LEU E 180 25.19 7.00 -5.83
C LEU E 180 26.25 6.23 -5.05
N GLY E 181 27.47 6.77 -4.97
CA GLY E 181 28.52 6.08 -4.27
C GLY E 181 28.26 5.98 -2.77
N SER E 182 27.71 7.06 -2.18
CA SER E 182 27.44 7.09 -0.75
C SER E 182 26.41 6.03 -0.36
N ILE E 183 25.32 5.92 -1.11
CA ILE E 183 24.28 4.96 -0.78
C ILE E 183 24.78 3.53 -0.94
N TYR E 184 25.55 3.28 -2.00
CA TYR E 184 26.06 1.93 -2.24
C TYR E 184 27.00 1.47 -1.12
N THR E 185 27.85 2.37 -0.62
CA THR E 185 28.81 1.95 0.39
C THR E 185 28.12 1.66 1.71
N ARG E 186 27.18 2.52 2.12
CA ARG E 186 26.37 2.22 3.30
C ARG E 186 25.64 0.89 3.14
N LEU E 187 24.97 0.70 2.00
CA LEU E 187 24.21 -0.53 1.81
C LEU E 187 25.12 -1.74 1.75
N TYR E 188 26.21 -1.64 1.00
CA TYR E 188 26.97 -2.83 0.64
C TYR E 188 28.40 -2.84 1.16
N GLY E 189 28.83 -1.81 1.87
CA GLY E 189 30.08 -1.87 2.58
C GLY E 189 31.31 -1.42 1.81
N GLN E 190 31.17 -1.08 0.53
CA GLN E 190 32.31 -0.65 -0.25
C GLN E 190 31.83 0.06 -1.51
N SER E 191 32.79 0.58 -2.26
CA SER E 191 32.48 1.34 -3.46
C SER E 191 32.09 0.40 -4.60
N PRO E 192 31.20 0.85 -5.48
CA PRO E 192 30.82 0.03 -6.62
C PRO E 192 31.97 -0.05 -7.60
N PRO E 193 31.94 -1.02 -8.52
CA PRO E 193 32.94 -1.06 -9.58
C PRO E 193 32.57 -0.12 -10.73
N ASP E 194 33.61 0.28 -11.47
CA ASP E 194 33.44 1.01 -12.73
C ASP E 194 32.60 2.27 -12.56
N SER E 195 32.83 2.99 -11.47
CA SER E 195 32.08 4.21 -11.22
C SER E 195 32.38 5.25 -12.29
N HIS E 196 31.39 6.12 -12.53
CA HIS E 196 31.45 7.19 -13.53
C HIS E 196 31.57 6.66 -14.95
N THR E 197 31.02 5.48 -15.21
CA THR E 197 30.68 5.04 -16.56
C THR E 197 29.17 4.84 -16.62
N ALA E 198 28.60 4.99 -17.81
CA ALA E 198 27.15 4.84 -17.98
C ALA E 198 26.68 3.47 -17.50
N GLU E 199 27.37 2.41 -17.89
CA GLU E 199 26.96 1.08 -17.48
C GLU E 199 27.27 0.83 -16.00
N GLY E 200 28.42 1.31 -15.54
CA GLY E 200 28.81 1.09 -14.15
C GLY E 200 27.86 1.75 -13.17
N ASP E 201 27.44 2.99 -13.46
CA ASP E 201 26.50 3.66 -12.57
C ASP E 201 25.13 2.98 -12.59
N VAL E 202 24.70 2.50 -13.77
CA VAL E 202 23.41 1.83 -13.90
C VAL E 202 23.40 0.53 -13.10
N LEU E 203 24.42 -0.30 -13.27
CA LEU E 203 24.49 -1.55 -12.50
C LEU E 203 24.49 -1.29 -11.00
N ALA E 204 25.25 -0.30 -10.54
CA ALA E 204 25.25 0.06 -9.13
C ALA E 204 23.87 0.55 -8.69
N LEU E 205 23.21 1.35 -9.54
CA LEU E 205 21.87 1.82 -9.22
C LEU E 205 20.89 0.66 -9.12
N LEU E 206 21.06 -0.37 -9.96
CA LEU E 206 20.23 -1.57 -9.84
C LEU E 206 20.47 -2.28 -8.51
N SER E 207 21.73 -2.36 -8.08
CA SER E 207 22.03 -3.00 -6.80
C SER E 207 21.35 -2.26 -5.65
N ILE E 208 21.44 -0.93 -5.66
CA ILE E 208 20.83 -0.15 -4.58
C ILE E 208 19.32 -0.30 -4.59
N CYS E 209 18.73 -0.34 -5.78
CA CYS E 209 17.30 -0.55 -5.90
C CYS E 209 16.89 -1.97 -5.52
N GLN E 210 17.83 -2.91 -5.50
CA GLN E 210 17.55 -4.29 -5.10
C GLN E 210 17.64 -4.52 -3.60
N TRP E 211 18.01 -3.49 -2.83
CA TRP E 211 18.07 -3.62 -1.38
C TRP E 211 16.73 -4.06 -0.82
N ARG E 212 15.70 -3.22 -0.99
CA ARG E 212 14.33 -3.50 -0.60
C ARG E 212 13.50 -3.46 -1.88
N PRO E 213 13.50 -4.56 -2.65
CA PRO E 213 12.91 -4.49 -4.00
C PRO E 213 11.40 -4.31 -3.98
N GLN E 214 10.70 -5.00 -3.09
CA GLN E 214 9.25 -4.82 -3.01
C GLN E 214 8.89 -3.41 -2.58
N ALA E 215 9.58 -2.85 -1.59
CA ALA E 215 9.25 -1.50 -1.14
C ALA E 215 9.52 -0.46 -2.23
N LEU E 216 10.60 -0.64 -2.99
CA LEU E 216 10.86 0.27 -4.11
C LEU E 216 9.74 0.22 -5.14
N LEU E 217 9.23 -0.98 -5.43
CA LEU E 217 8.17 -1.13 -6.43
C LEU E 217 6.94 -0.33 -6.06
N ARG E 218 6.48 -0.47 -4.81
CA ARG E 218 5.29 0.24 -4.37
C ARG E 218 5.51 1.74 -4.42
N TRP E 219 6.71 2.20 -4.06
CA TRP E 219 7.01 3.63 -4.15
C TRP E 219 7.02 4.09 -5.61
N VAL E 220 7.62 3.29 -6.49
CA VAL E 220 7.62 3.63 -7.92
C VAL E 220 6.19 3.71 -8.43
N ASP E 221 5.37 2.71 -8.10
CA ASP E 221 4.00 2.65 -8.60
C ASP E 221 3.18 3.85 -8.14
N ALA E 222 3.53 4.44 -6.99
CA ALA E 222 2.82 5.57 -6.43
C ALA E 222 3.42 6.92 -6.80
N HIS E 223 4.65 6.95 -7.31
CA HIS E 223 5.34 8.21 -7.59
C HIS E 223 5.84 8.31 -9.02
N ALA E 224 5.37 7.44 -9.91
CA ALA E 224 5.78 7.52 -11.31
C ALA E 224 5.25 8.80 -11.93
N ARG E 225 6.15 9.57 -12.50
CA ARG E 225 5.82 10.85 -13.11
C ARG E 225 5.91 10.74 -14.63
N PRO E 226 4.88 11.16 -15.37
CA PRO E 226 4.95 11.09 -16.83
C PRO E 226 6.15 11.85 -17.36
N PHE E 227 6.83 11.25 -18.34
CA PHE E 227 8.08 11.83 -18.82
C PHE E 227 7.83 13.13 -19.58
N GLY E 228 6.66 13.26 -20.22
CA GLY E 228 6.38 14.46 -20.98
C GLY E 228 6.35 15.74 -20.14
N THR E 229 6.19 15.60 -18.82
CA THR E 229 6.22 16.74 -17.92
C THR E 229 7.64 17.07 -17.44
N ILE E 230 8.66 16.45 -18.01
CA ILE E 230 10.04 16.82 -17.73
C ILE E 230 10.46 17.87 -18.77
N ARG E 231 10.74 19.08 -18.31
CA ARG E 231 11.18 20.12 -19.24
C ARG E 231 12.61 19.89 -19.70
N PRO E 232 12.95 20.28 -20.93
CA PRO E 232 14.32 20.12 -21.41
C PRO E 232 15.31 20.96 -20.61
N MET E 233 16.54 20.43 -20.48
CA MET E 233 17.55 21.13 -19.69
C MET E 233 17.94 22.47 -20.33
N TYR E 234 17.94 22.54 -21.66
CA TYR E 234 18.19 23.79 -22.36
C TYR E 234 17.49 23.74 -23.71
N GLY E 235 17.17 24.92 -24.24
CA GLY E 235 16.51 25.04 -25.52
C GLY E 235 17.48 25.05 -26.68
N PRO F 8 37.19 -7.81 -51.89
CA PRO F 8 38.20 -6.87 -51.38
C PRO F 8 37.63 -5.95 -50.30
N PRO F 9 37.42 -6.46 -49.09
CA PRO F 9 36.81 -5.63 -48.03
C PRO F 9 37.63 -4.41 -47.64
N GLY F 10 38.90 -4.60 -47.34
CA GLY F 10 39.66 -3.59 -46.63
C GLY F 10 39.67 -3.88 -45.15
N PRO F 11 40.38 -3.07 -44.36
CA PRO F 11 40.47 -3.30 -42.91
C PRO F 11 39.11 -3.17 -42.25
N MET F 12 38.81 -4.11 -41.36
CA MET F 12 37.56 -4.09 -40.59
C MET F 12 37.58 -2.92 -39.60
N GLN F 13 36.61 -2.02 -39.72
CA GLN F 13 36.57 -0.86 -38.84
C GLN F 13 35.97 -1.18 -37.47
N THR F 14 35.11 -2.20 -37.40
CA THR F 14 34.43 -2.55 -36.15
C THR F 14 34.30 -4.06 -36.06
N LEU F 15 34.66 -4.61 -34.90
CA LEU F 15 34.45 -6.02 -34.62
C LEU F 15 33.30 -6.15 -33.61
N ILE F 16 32.26 -6.87 -34.01
CA ILE F 16 31.06 -7.03 -33.18
C ILE F 16 31.13 -8.42 -32.58
N PHE F 17 31.61 -8.51 -31.35
CA PHE F 17 31.66 -9.78 -30.64
C PHE F 17 30.24 -10.23 -30.33
N PHE F 18 29.98 -11.50 -30.53
CA PHE F 18 28.61 -11.95 -30.73
C PHE F 18 28.45 -13.34 -30.15
N ASP F 19 27.38 -13.52 -29.39
CA ASP F 19 27.01 -14.84 -28.88
C ASP F 19 25.52 -14.88 -28.66
N MET F 20 24.95 -16.06 -28.82
CA MET F 20 23.55 -16.30 -28.52
C MET F 20 23.41 -17.53 -27.65
N GLU F 21 22.30 -17.57 -26.92
CA GLU F 21 21.80 -18.78 -26.28
C GLU F 21 20.49 -19.14 -26.97
N ALA F 22 20.10 -20.42 -26.88
CA ALA F 22 18.94 -20.92 -27.61
C ALA F 22 18.37 -22.15 -26.92
N THR F 23 17.37 -22.78 -27.55
CA THR F 23 16.61 -23.86 -26.92
C THR F 23 17.31 -25.21 -26.96
N GLY F 24 18.37 -25.37 -27.77
CA GLY F 24 19.04 -26.65 -27.79
C GLY F 24 20.07 -26.72 -28.91
N LEU F 25 20.46 -27.95 -29.22
CA LEU F 25 21.47 -28.23 -30.23
C LEU F 25 20.87 -28.10 -31.63
N PRO F 26 21.73 -27.97 -32.65
CA PRO F 26 21.20 -27.70 -34.01
C PRO F 26 20.24 -28.75 -34.53
N PHE F 27 20.38 -30.03 -34.14
CA PHE F 27 19.48 -31.04 -34.66
C PHE F 27 18.05 -30.88 -34.15
N SER F 28 17.83 -30.05 -33.13
CA SER F 28 16.50 -29.78 -32.60
C SER F 28 15.84 -28.58 -33.26
N GLN F 29 16.51 -27.95 -34.23
CA GLN F 29 16.06 -26.71 -34.85
C GLN F 29 15.80 -25.65 -33.78
N PRO F 30 16.82 -25.22 -33.07
CA PRO F 30 16.62 -24.36 -31.91
C PRO F 30 16.29 -22.95 -32.31
N LYS F 31 15.73 -22.21 -31.36
CA LYS F 31 15.41 -20.80 -31.53
C LYS F 31 16.04 -20.01 -30.39
N VAL F 32 16.48 -18.78 -30.72
CA VAL F 32 17.26 -17.96 -29.80
C VAL F 32 16.45 -17.63 -28.57
N THR F 33 17.10 -17.72 -27.40
CA THR F 33 16.55 -17.22 -26.14
C THR F 33 17.28 -15.99 -25.61
N GLU F 34 18.49 -15.71 -26.09
CA GLU F 34 19.30 -14.64 -25.55
C GLU F 34 20.38 -14.32 -26.56
N LEU F 35 20.62 -13.02 -26.78
CA LEU F 35 21.69 -12.57 -27.66
C LEU F 35 22.43 -11.40 -27.04
N CYS F 36 23.72 -11.32 -27.34
CA CYS F 36 24.54 -10.18 -26.96
C CYS F 36 25.42 -9.77 -28.12
N LEU F 37 25.50 -8.46 -28.34
CA LEU F 37 26.36 -7.86 -29.35
C LEU F 37 27.21 -6.79 -28.68
N LEU F 38 28.52 -6.87 -28.87
CA LEU F 38 29.47 -5.92 -28.31
C LEU F 38 30.36 -5.43 -29.43
N ALA F 39 30.21 -4.15 -29.79
CA ALA F 39 30.94 -3.58 -30.91
C ALA F 39 32.21 -2.89 -30.41
N VAL F 40 33.35 -3.25 -31.01
CA VAL F 40 34.64 -2.65 -30.68
C VAL F 40 35.20 -2.04 -31.96
N HIS F 41 35.55 -0.76 -31.92
CA HIS F 41 36.32 -0.18 -33.00
C HIS F 41 37.71 -0.78 -33.02
N ARG F 42 38.26 -0.93 -34.22
CA ARG F 42 39.52 -1.65 -34.39
C ARG F 42 40.67 -0.98 -33.64
N CYS F 43 40.62 0.35 -33.45
CA CYS F 43 41.72 1.02 -32.76
C CYS F 43 41.88 0.52 -31.32
N ALA F 44 40.79 0.04 -30.69
CA ALA F 44 40.91 -0.56 -29.37
C ALA F 44 41.79 -1.80 -29.38
N LEU F 45 41.96 -2.45 -30.53
CA LEU F 45 42.84 -3.60 -30.65
C LEU F 45 44.09 -3.31 -31.46
N GLU F 46 43.98 -2.44 -32.45
CA GLU F 46 45.17 -2.01 -33.18
C GLU F 46 46.12 -1.25 -32.27
N SER F 47 45.59 -0.33 -31.47
CA SER F 47 46.38 0.49 -30.55
C SER F 47 45.79 0.36 -29.15
N PRO F 48 46.04 -0.76 -28.47
CA PRO F 48 45.57 -0.92 -27.10
C PRO F 48 46.26 0.07 -26.19
N PRO F 49 45.54 0.65 -25.22
CA PRO F 49 46.13 1.72 -24.42
C PRO F 49 47.21 1.18 -23.48
N THR F 50 48.23 2.02 -23.27
CA THR F 50 49.37 1.78 -22.37
C THR F 50 49.75 0.33 -22.11
N PRO F 56 48.63 -6.83 -15.31
CA PRO F 56 47.23 -7.12 -15.00
C PRO F 56 46.69 -8.32 -15.79
N THR F 57 46.78 -9.50 -15.16
CA THR F 57 46.16 -10.76 -15.54
C THR F 57 45.26 -10.68 -16.78
N VAL F 58 43.97 -10.44 -16.56
CA VAL F 58 43.00 -10.36 -17.65
C VAL F 58 43.03 -8.95 -18.23
N PRO F 59 42.98 -8.80 -19.56
CA PRO F 59 42.86 -7.48 -20.15
C PRO F 59 41.52 -6.86 -19.80
N PRO F 60 41.51 -5.57 -19.47
CA PRO F 60 40.24 -4.88 -19.27
C PRO F 60 39.58 -4.59 -20.60
N PRO F 61 38.26 -4.65 -20.67
CA PRO F 61 37.57 -4.27 -21.90
C PRO F 61 37.91 -2.84 -22.28
N PRO F 62 37.73 -2.45 -23.53
CA PRO F 62 37.99 -1.06 -23.92
C PRO F 62 37.03 -0.11 -23.24
N ARG F 63 37.50 1.11 -22.97
CA ARG F 63 36.66 2.12 -22.36
C ARG F 63 35.41 2.38 -23.19
N VAL F 64 35.59 2.48 -24.51
CA VAL F 64 34.55 2.90 -25.44
C VAL F 64 34.06 1.65 -26.18
N VAL F 65 32.88 1.15 -25.79
CA VAL F 65 32.24 0.04 -26.50
C VAL F 65 30.75 0.33 -26.62
N ASP F 66 30.13 -0.28 -27.62
CA ASP F 66 28.68 -0.36 -27.75
C ASP F 66 28.25 -1.79 -27.47
N LYS F 67 27.25 -1.95 -26.60
CA LYS F 67 26.81 -3.26 -26.14
C LYS F 67 25.30 -3.36 -26.22
N LEU F 68 24.80 -4.50 -26.70
CA LEU F 68 23.37 -4.79 -26.76
C LEU F 68 23.14 -6.20 -26.23
N SER F 69 22.30 -6.33 -25.21
CA SER F 69 22.02 -7.64 -24.60
C SER F 69 20.52 -7.80 -24.43
N LEU F 70 19.97 -8.87 -25.03
CA LEU F 70 18.53 -9.07 -25.04
C LEU F 70 18.19 -10.53 -24.81
N CYS F 71 17.10 -10.77 -24.11
CA CYS F 71 16.48 -12.08 -24.00
C CYS F 71 15.29 -12.13 -24.95
N VAL F 72 14.96 -13.34 -25.41
CA VAL F 72 14.00 -13.53 -26.50
C VAL F 72 13.10 -14.71 -26.17
N ALA F 73 11.80 -14.51 -26.29
CA ALA F 73 10.85 -15.60 -26.10
C ALA F 73 10.91 -16.58 -27.25
N PRO F 74 11.46 -17.77 -27.07
CA PRO F 74 11.41 -18.77 -28.14
C PRO F 74 9.99 -19.24 -28.32
N GLY F 75 9.65 -19.65 -29.53
CA GLY F 75 8.29 -20.12 -29.73
C GLY F 75 7.96 -21.45 -29.11
N LYS F 76 8.95 -22.11 -28.51
CA LYS F 76 8.80 -23.46 -27.99
C LYS F 76 9.59 -23.59 -26.70
N ALA F 77 9.45 -24.73 -26.04
CA ALA F 77 10.14 -24.98 -24.78
C ALA F 77 11.62 -25.26 -25.02
N CYS F 78 12.44 -24.92 -24.03
CA CYS F 78 13.85 -25.29 -24.09
C CYS F 78 14.01 -26.76 -23.73
N SER F 79 15.02 -27.39 -24.31
CA SER F 79 15.34 -28.75 -23.88
C SER F 79 15.83 -28.73 -22.43
N PRO F 80 15.62 -29.82 -21.69
CA PRO F 80 16.09 -29.85 -20.30
C PRO F 80 17.56 -29.52 -20.14
N ALA F 81 18.43 -30.08 -20.98
CA ALA F 81 19.86 -29.82 -20.83
C ALA F 81 20.18 -28.35 -21.04
N ALA F 82 19.48 -27.69 -21.98
CA ALA F 82 19.77 -26.29 -22.27
C ALA F 82 19.35 -25.38 -21.12
N SER F 83 18.19 -25.65 -20.51
CA SER F 83 17.74 -24.89 -19.34
C SER F 83 18.71 -25.03 -18.18
N GLU F 84 19.31 -26.22 -18.02
CA GLU F 84 20.35 -26.39 -16.99
C GLU F 84 21.53 -25.47 -17.24
N ILE F 85 22.08 -25.51 -18.46
CA ILE F 85 23.34 -24.82 -18.72
C ILE F 85 23.16 -23.31 -18.66
N THR F 86 22.12 -22.80 -19.32
CA THR F 86 21.94 -21.36 -19.49
C THR F 86 21.18 -20.70 -18.37
N GLY F 87 20.48 -21.45 -17.53
CA GLY F 87 19.63 -20.86 -16.52
C GLY F 87 18.43 -20.13 -17.07
N LEU F 88 17.96 -20.50 -18.26
CA LEU F 88 16.79 -19.90 -18.89
C LEU F 88 15.74 -20.97 -19.18
N SER F 89 14.47 -20.58 -19.11
CA SER F 89 13.38 -21.43 -19.55
C SER F 89 12.35 -20.59 -20.29
N THR F 90 11.54 -21.25 -21.13
CA THR F 90 10.52 -20.52 -21.86
C THR F 90 9.46 -19.95 -20.93
N ALA F 91 9.12 -20.71 -19.87
CA ALA F 91 8.16 -20.23 -18.88
C ALA F 91 8.67 -18.97 -18.18
N VAL F 92 9.93 -18.97 -17.74
CA VAL F 92 10.45 -17.81 -17.02
C VAL F 92 10.51 -16.60 -17.94
N LEU F 93 10.95 -16.79 -19.19
CA LEU F 93 10.95 -15.69 -20.14
C LEU F 93 9.55 -15.16 -20.37
N ALA F 94 8.56 -16.05 -20.35
CA ALA F 94 7.15 -15.64 -20.40
C ALA F 94 6.77 -14.77 -19.21
N ALA F 95 7.24 -15.15 -18.00
CA ALA F 95 6.96 -14.37 -16.81
C ALA F 95 7.51 -12.95 -16.92
N HIS F 96 8.72 -12.81 -17.45
CA HIS F 96 9.32 -11.49 -17.67
C HIS F 96 8.83 -10.83 -18.96
N GLY F 97 7.75 -11.34 -19.57
CA GLY F 97 7.13 -10.70 -20.71
C GLY F 97 7.96 -10.57 -21.96
N ARG F 98 8.94 -11.45 -22.18
CA ARG F 98 9.80 -11.32 -23.34
C ARG F 98 9.03 -11.55 -24.64
N GLN F 99 9.39 -10.82 -25.68
CA GLN F 99 8.82 -11.00 -27.01
C GLN F 99 9.74 -11.86 -27.85
N CYS F 100 9.15 -12.46 -28.89
CA CYS F 100 9.90 -13.36 -29.75
C CYS F 100 10.73 -12.60 -30.78
N PHE F 101 11.55 -13.34 -31.51
CA PHE F 101 12.40 -12.81 -32.55
C PHE F 101 11.52 -12.29 -33.68
N ASP F 102 11.33 -10.97 -33.76
CA ASP F 102 10.39 -10.39 -34.72
C ASP F 102 11.02 -9.21 -35.47
N ASP F 103 10.21 -8.54 -36.29
CA ASP F 103 10.72 -7.43 -37.10
C ASP F 103 11.23 -6.28 -36.24
N ASN F 104 10.62 -6.04 -35.08
CA ASN F 104 11.15 -5.01 -34.19
C ASN F 104 12.54 -5.39 -33.70
N LEU F 105 12.73 -6.67 -33.36
CA LEU F 105 14.06 -7.14 -32.98
C LEU F 105 15.05 -7.04 -34.13
N ALA F 106 14.58 -7.29 -35.37
CA ALA F 106 15.47 -7.17 -36.51
C ALA F 106 15.86 -5.72 -36.77
N ASN F 107 14.90 -4.79 -36.64
CA ASN F 107 15.21 -3.39 -36.84
C ASN F 107 16.09 -2.84 -35.72
N LEU F 108 15.87 -3.29 -34.49
CA LEU F 108 16.76 -2.90 -33.39
C LEU F 108 18.21 -3.27 -33.69
N LEU F 109 18.44 -4.54 -34.06
CA LEU F 109 19.81 -4.97 -34.36
C LEU F 109 20.44 -4.12 -35.45
N LEU F 110 19.68 -3.83 -36.51
CA LEU F 110 20.21 -3.04 -37.61
C LEU F 110 20.54 -1.62 -37.18
N ALA F 111 19.66 -1.00 -36.40
CA ALA F 111 19.95 0.32 -35.87
C ALA F 111 21.21 0.28 -35.00
N PHE F 112 21.40 -0.80 -34.25
CA PHE F 112 22.64 -0.95 -33.48
C PHE F 112 23.84 -1.13 -34.38
N LEU F 113 23.67 -1.88 -35.48
CA LEU F 113 24.78 -2.07 -36.40
C LEU F 113 25.13 -0.77 -37.13
N ARG F 114 24.14 0.07 -37.42
CA ARG F 114 24.42 1.29 -38.16
C ARG F 114 25.18 2.32 -37.32
N ARG F 115 25.16 2.20 -35.98
CA ARG F 115 25.95 3.07 -35.11
C ARG F 115 27.44 2.79 -35.17
N GLN F 116 27.87 1.86 -36.02
CA GLN F 116 29.25 1.42 -36.07
C GLN F 116 29.84 1.67 -37.45
N PRO F 117 31.10 2.11 -37.54
CA PRO F 117 31.72 2.29 -38.85
C PRO F 117 31.84 0.95 -39.56
N GLN F 118 31.55 0.96 -40.87
CA GLN F 118 31.67 -0.18 -41.77
C GLN F 118 33.08 -0.23 -42.37
N PRO F 119 33.61 -1.42 -42.71
CA PRO F 119 32.97 -2.74 -42.66
C PRO F 119 32.83 -3.33 -41.25
N TRP F 120 31.72 -4.03 -41.00
CA TRP F 120 31.51 -4.76 -39.76
C TRP F 120 32.01 -6.18 -39.91
N CYS F 121 32.60 -6.72 -38.85
CA CYS F 121 32.95 -8.14 -38.81
C CYS F 121 32.42 -8.79 -37.53
N LEU F 122 31.34 -9.55 -37.66
CA LEU F 122 30.86 -10.34 -36.53
C LEU F 122 31.93 -11.34 -36.09
N VAL F 123 32.08 -11.51 -34.78
CA VAL F 123 33.03 -12.45 -34.21
C VAL F 123 32.27 -13.32 -33.22
N ALA F 124 32.20 -14.62 -33.49
CA ALA F 124 31.47 -15.55 -32.63
C ALA F 124 32.25 -16.85 -32.52
N HIS F 125 32.21 -17.45 -31.33
CA HIS F 125 33.03 -18.62 -31.02
C HIS F 125 32.33 -19.88 -31.53
N ASN F 126 32.99 -20.60 -32.43
CA ASN F 126 32.35 -21.69 -33.15
C ASN F 126 31.16 -21.17 -33.96
N GLY F 127 31.24 -19.90 -34.37
CA GLY F 127 30.13 -19.27 -35.05
C GLY F 127 29.72 -19.94 -36.35
N ASP F 128 30.66 -20.53 -37.08
CA ASP F 128 30.29 -21.20 -38.32
C ASP F 128 29.38 -22.40 -38.08
N ARG F 129 29.41 -22.98 -36.88
CA ARG F 129 28.59 -24.15 -36.55
C ARG F 129 27.35 -23.81 -35.74
N TYR F 130 27.24 -22.59 -35.21
CA TYR F 130 26.10 -22.28 -34.37
C TYR F 130 25.59 -20.86 -34.54
N ASP F 131 26.32 -19.86 -34.03
CA ASP F 131 25.77 -18.50 -33.96
C ASP F 131 25.41 -17.95 -35.33
N PHE F 132 26.27 -18.16 -36.33
CA PHE F 132 25.98 -17.57 -37.65
C PHE F 132 24.83 -18.28 -38.34
N PRO F 133 24.80 -19.61 -38.50
CA PRO F 133 23.63 -20.24 -39.14
C PRO F 133 22.34 -19.98 -38.39
N LEU F 134 22.38 -19.88 -37.06
CA LEU F 134 21.15 -19.67 -36.31
C LEU F 134 20.64 -18.25 -36.46
N LEU F 135 21.53 -17.25 -36.47
CA LEU F 135 21.09 -15.90 -36.79
C LEU F 135 20.50 -15.84 -38.20
N GLN F 136 21.11 -16.54 -39.16
CA GLN F 136 20.58 -16.51 -40.51
C GLN F 136 19.24 -17.25 -40.60
N ALA F 137 19.02 -18.23 -39.72
CA ALA F 137 17.73 -18.91 -39.68
C ALA F 137 16.64 -17.98 -39.16
N GLU F 138 16.93 -17.26 -38.07
CA GLU F 138 15.94 -16.36 -37.51
C GLU F 138 15.58 -15.25 -38.50
N LEU F 139 16.59 -14.68 -39.15
CA LEU F 139 16.34 -13.63 -40.14
C LEU F 139 15.54 -14.16 -41.32
N ALA F 140 15.83 -15.39 -41.76
CA ALA F 140 15.15 -15.93 -42.93
C ALA F 140 13.70 -16.28 -42.63
N MET F 141 13.42 -16.80 -41.43
CA MET F 141 12.04 -17.07 -41.05
C MET F 141 11.21 -15.80 -40.92
N LEU F 142 11.86 -14.64 -40.89
CA LEU F 142 11.17 -13.35 -40.95
C LEU F 142 11.15 -12.77 -42.36
N GLY F 143 11.68 -13.48 -43.35
CA GLY F 143 11.82 -12.91 -44.67
C GLY F 143 12.92 -11.88 -44.82
N LEU F 144 13.84 -11.78 -43.87
CA LEU F 144 14.93 -10.80 -43.94
C LEU F 144 16.25 -11.47 -44.26
N THR F 145 16.26 -12.30 -45.30
CA THR F 145 17.46 -13.05 -45.64
C THR F 145 18.62 -12.13 -46.01
N SER F 146 18.33 -10.97 -46.61
CA SER F 146 19.37 -10.07 -47.07
C SER F 146 19.62 -8.90 -46.11
N ALA F 147 19.27 -9.06 -44.83
CA ALA F 147 19.34 -7.93 -43.90
C ALA F 147 20.79 -7.62 -43.51
N LEU F 148 21.58 -8.64 -43.19
CA LEU F 148 22.95 -8.44 -42.76
C LEU F 148 23.96 -8.61 -43.88
N ASP F 149 23.52 -8.60 -45.14
CA ASP F 149 24.41 -8.88 -46.25
C ASP F 149 25.61 -7.92 -46.32
N GLY F 150 25.51 -6.75 -45.70
CA GLY F 150 26.66 -5.85 -45.67
C GLY F 150 27.72 -6.21 -44.66
N ALA F 151 27.49 -7.22 -43.85
CA ALA F 151 28.39 -7.53 -42.75
C ALA F 151 29.35 -8.66 -43.12
N PHE F 152 30.43 -8.78 -42.34
CA PHE F 152 31.37 -9.88 -42.45
C PHE F 152 31.39 -10.65 -41.14
N CYS F 153 32.02 -11.83 -41.17
CA CYS F 153 32.09 -12.65 -39.98
C CYS F 153 33.33 -13.51 -40.00
N VAL F 154 33.80 -13.88 -38.80
CA VAL F 154 34.86 -14.87 -38.61
C VAL F 154 34.49 -15.77 -37.43
N ASP F 155 35.02 -16.98 -37.43
CA ASP F 155 34.87 -17.94 -36.36
C ASP F 155 36.10 -17.87 -35.45
N SER F 156 35.90 -17.45 -34.20
CA SER F 156 37.05 -17.23 -33.32
C SER F 156 37.78 -18.53 -32.96
N ILE F 157 37.14 -19.68 -33.11
CA ILE F 157 37.86 -20.94 -32.99
C ILE F 157 38.93 -21.02 -34.06
N THR F 158 38.55 -20.75 -35.32
CA THR F 158 39.53 -20.75 -36.40
C THR F 158 40.64 -19.75 -36.15
N ALA F 159 40.28 -18.54 -35.71
CA ALA F 159 41.27 -17.50 -35.46
C ALA F 159 42.25 -17.91 -34.35
N LEU F 160 41.71 -18.37 -33.23
CA LEU F 160 42.56 -18.76 -32.11
C LEU F 160 43.47 -19.91 -32.48
N LYS F 161 42.94 -20.90 -33.22
CA LYS F 161 43.79 -21.99 -33.69
C LYS F 161 44.97 -21.44 -34.50
N ALA F 162 44.71 -20.45 -35.36
CA ALA F 162 45.78 -19.86 -36.16
C ALA F 162 46.79 -19.13 -35.29
N LEU F 163 46.30 -18.36 -34.30
CA LEU F 163 47.21 -17.63 -33.42
C LEU F 163 47.97 -18.58 -32.50
N GLU F 164 47.30 -19.61 -31.99
CA GLU F 164 47.96 -20.59 -31.13
C GLU F 164 48.93 -21.48 -31.91
N ARG F 165 48.79 -21.56 -33.23
CA ARG F 165 49.76 -22.25 -34.06
C ARG F 165 50.93 -21.37 -34.48
N ALA F 166 50.80 -20.04 -34.35
CA ALA F 166 51.91 -19.16 -34.64
C ALA F 166 53.00 -19.23 -33.58
N SER F 167 52.65 -19.65 -32.37
CA SER F 167 53.61 -19.76 -31.26
C SER F 167 54.81 -20.64 -31.58
N LYS F 176 44.32 -30.81 -27.11
CA LYS F 176 44.10 -29.47 -26.56
C LYS F 176 42.72 -28.94 -26.97
N SER F 177 41.94 -28.52 -25.98
CA SER F 177 40.56 -28.09 -26.21
C SER F 177 40.49 -26.62 -26.61
N TYR F 178 39.61 -26.33 -27.57
CA TYR F 178 39.39 -24.96 -28.01
C TYR F 178 37.98 -24.47 -27.69
N SER F 179 37.34 -25.05 -26.69
CA SER F 179 36.12 -24.44 -26.17
C SER F 179 36.48 -23.10 -25.52
N LEU F 180 35.48 -22.22 -25.45
CA LEU F 180 35.70 -20.89 -24.90
C LEU F 180 36.35 -20.96 -23.52
N GLY F 181 35.80 -21.80 -22.64
CA GLY F 181 36.31 -21.88 -21.28
C GLY F 181 37.72 -22.40 -21.21
N SER F 182 38.06 -23.35 -22.10
CA SER F 182 39.39 -23.93 -22.08
C SER F 182 40.44 -22.92 -22.55
N ILE F 183 40.16 -22.24 -23.66
CA ILE F 183 41.07 -21.20 -24.12
C ILE F 183 41.28 -20.16 -23.02
N TYR F 184 40.19 -19.75 -22.36
CA TYR F 184 40.26 -18.67 -21.38
C TYR F 184 41.09 -19.08 -20.17
N THR F 185 40.90 -20.30 -19.68
CA THR F 185 41.72 -20.80 -18.58
C THR F 185 43.15 -21.05 -19.02
N ARG F 186 43.36 -21.44 -20.29
CA ARG F 186 44.72 -21.66 -20.78
C ARG F 186 45.50 -20.35 -20.87
N LEU F 187 44.84 -19.24 -21.22
CA LEU F 187 45.49 -17.95 -21.32
C LEU F 187 45.63 -17.27 -19.95
N TYR F 188 44.55 -17.23 -19.17
CA TYR F 188 44.49 -16.40 -17.97
C TYR F 188 44.52 -17.18 -16.66
N GLY F 189 44.63 -18.50 -16.71
CA GLY F 189 44.82 -19.27 -15.49
C GLY F 189 43.66 -19.21 -14.53
N GLN F 190 42.48 -18.82 -15.00
CA GLN F 190 41.29 -18.76 -14.17
C GLN F 190 40.07 -18.88 -15.08
N SER F 191 38.97 -19.36 -14.51
CA SER F 191 37.77 -19.54 -15.32
C SER F 191 37.01 -18.22 -15.45
N PRO F 192 36.30 -18.03 -16.56
CA PRO F 192 35.59 -16.77 -16.78
C PRO F 192 34.32 -16.71 -15.94
N PRO F 193 33.87 -15.51 -15.58
CA PRO F 193 32.62 -15.37 -14.83
C PRO F 193 31.40 -15.41 -15.75
N ASP F 194 30.27 -15.74 -15.15
CA ASP F 194 28.96 -15.66 -15.81
C ASP F 194 28.93 -16.45 -17.12
N SER F 195 29.51 -17.64 -17.09
CA SER F 195 29.60 -18.44 -18.31
C SER F 195 28.21 -18.94 -18.71
N HIS F 196 28.07 -19.25 -19.99
CA HIS F 196 26.84 -19.77 -20.60
C HIS F 196 25.68 -18.78 -20.52
N THR F 197 25.96 -17.51 -20.29
CA THR F 197 25.03 -16.45 -20.61
C THR F 197 25.57 -15.73 -21.83
N ALA F 198 24.65 -15.08 -22.57
CA ALA F 198 25.04 -14.45 -23.82
C ALA F 198 26.12 -13.38 -23.59
N GLU F 199 25.93 -12.50 -22.60
CA GLU F 199 26.92 -11.44 -22.38
C GLU F 199 28.20 -12.00 -21.75
N GLY F 200 28.07 -12.91 -20.78
CA GLY F 200 29.26 -13.49 -20.16
C GLY F 200 30.18 -14.16 -21.17
N ASP F 201 29.59 -14.87 -22.15
CA ASP F 201 30.39 -15.51 -23.17
C ASP F 201 31.01 -14.49 -24.14
N VAL F 202 30.29 -13.41 -24.45
CA VAL F 202 30.87 -12.36 -25.28
C VAL F 202 32.03 -11.69 -24.56
N LEU F 203 31.87 -11.42 -23.26
CA LEU F 203 32.93 -10.76 -22.49
C LEU F 203 34.15 -11.66 -22.34
N ALA F 204 33.93 -12.95 -22.11
CA ALA F 204 35.02 -13.91 -22.07
C ALA F 204 35.70 -14.00 -23.42
N LEU F 205 34.91 -13.93 -24.51
CA LEU F 205 35.44 -13.97 -25.86
C LEU F 205 36.24 -12.73 -26.20
N LEU F 206 35.79 -11.56 -25.72
CA LEU F 206 36.55 -10.33 -25.93
C LEU F 206 37.89 -10.38 -25.20
N SER F 207 37.91 -10.90 -23.97
CA SER F 207 39.18 -10.98 -23.24
C SER F 207 40.17 -11.87 -23.96
N ILE F 208 39.68 -12.93 -24.59
CA ILE F 208 40.55 -13.83 -25.33
C ILE F 208 41.11 -13.11 -26.55
N CYS F 209 40.24 -12.43 -27.30
CA CYS F 209 40.69 -11.71 -28.48
C CYS F 209 41.63 -10.55 -28.14
N GLN F 210 41.69 -10.14 -26.87
CA GLN F 210 42.59 -9.08 -26.43
C GLN F 210 43.92 -9.62 -25.94
N TRP F 211 44.14 -10.93 -26.00
CA TRP F 211 45.41 -11.49 -25.57
C TRP F 211 46.54 -11.08 -26.51
N ARG F 212 46.31 -11.19 -27.82
CA ARG F 212 47.22 -10.66 -28.82
C ARG F 212 46.35 -9.95 -29.84
N PRO F 213 45.97 -8.70 -29.57
CA PRO F 213 44.96 -8.05 -30.41
C PRO F 213 45.43 -7.78 -31.82
N GLN F 214 46.68 -7.33 -31.98
CA GLN F 214 47.18 -7.01 -33.31
C GLN F 214 47.22 -8.24 -34.20
N ALA F 215 47.70 -9.38 -33.66
CA ALA F 215 47.70 -10.62 -34.42
C ALA F 215 46.27 -11.03 -34.80
N LEU F 216 45.32 -10.81 -33.90
CA LEU F 216 43.93 -11.13 -34.22
C LEU F 216 43.42 -10.28 -35.38
N LEU F 217 43.66 -8.96 -35.33
CA LEU F 217 43.18 -8.07 -36.39
C LEU F 217 43.71 -8.46 -37.75
N ARG F 218 45.00 -8.79 -37.83
CA ARG F 218 45.57 -9.29 -39.08
C ARG F 218 44.74 -10.45 -39.63
N TRP F 219 44.55 -11.48 -38.81
CA TRP F 219 43.83 -12.66 -39.27
C TRP F 219 42.41 -12.33 -39.70
N VAL F 220 41.79 -11.35 -39.05
CA VAL F 220 40.39 -11.02 -39.35
C VAL F 220 40.28 -10.31 -40.69
N ASP F 221 41.24 -9.45 -41.02
CA ASP F 221 41.18 -8.71 -42.29
C ASP F 221 41.40 -9.64 -43.48
N ALA F 222 42.26 -10.65 -43.33
CA ALA F 222 42.51 -11.63 -44.39
C ALA F 222 41.43 -12.70 -44.49
N HIS F 223 40.65 -12.94 -43.43
CA HIS F 223 39.69 -14.04 -43.43
C HIS F 223 38.26 -13.58 -43.20
N ALA F 224 37.98 -12.29 -43.29
CA ALA F 224 36.62 -11.80 -43.21
C ALA F 224 35.80 -12.33 -44.38
N ARG F 225 34.76 -13.09 -44.07
CA ARG F 225 33.90 -13.58 -45.14
C ARG F 225 32.50 -12.95 -45.05
N PRO F 226 31.87 -12.70 -46.20
CA PRO F 226 30.55 -12.08 -46.17
C PRO F 226 29.53 -12.95 -45.44
N PHE F 227 28.68 -12.29 -44.65
CA PHE F 227 27.67 -13.01 -43.87
C PHE F 227 26.56 -13.55 -44.75
N GLY F 228 26.35 -12.98 -45.95
CA GLY F 228 25.36 -13.50 -46.87
C GLY F 228 25.67 -14.89 -47.38
N THR F 229 26.93 -15.30 -47.32
CA THR F 229 27.32 -16.66 -47.68
C THR F 229 27.13 -17.66 -46.55
N ILE F 230 26.66 -17.23 -45.38
CA ILE F 230 26.36 -18.16 -44.30
C ILE F 230 24.93 -18.69 -44.50
N ARG F 231 24.79 -20.01 -44.56
CA ARG F 231 23.44 -20.43 -44.88
C ARG F 231 22.62 -20.66 -43.61
N PRO F 232 21.30 -20.54 -43.69
CA PRO F 232 20.47 -20.70 -42.50
C PRO F 232 20.54 -22.12 -41.94
N MET F 233 20.42 -22.23 -40.62
CA MET F 233 20.48 -23.55 -39.99
C MET F 233 19.31 -24.42 -40.42
N TYR F 234 18.14 -23.82 -40.65
CA TYR F 234 16.95 -24.51 -41.11
C TYR F 234 15.94 -23.46 -41.59
N GLY F 235 15.03 -23.90 -42.46
CA GLY F 235 14.04 -23.00 -43.04
C GLY F 235 14.41 -22.50 -44.42
#